data_8XZJ
#
_entry.id   8XZJ
#
loop_
_entity.id
_entity.type
_entity.pdbx_description
1 polymer 'Apelin receptor'
2 polymer 'Guanine nucleotide-binding protein G(i) subunit alpha-1'
3 polymer 'Guanine nucleotide-binding protein G(I)/G(S)/G(T) subunit beta-1'
4 polymer 'Guanine nucleotide-binding protein G(I)/G(S)/G(O) subunit gamma-2'
5 polymer scFv16
6 polymer WN353
#
loop_
_entity_poly.entity_id
_entity_poly.type
_entity_poly.pdbx_seq_one_letter_code
_entity_poly.pdbx_strand_id
1 'polypeptide(L)'
;MEEGGDFDNYYGADNQSECEYTDWKSSGALIPAIYMLVFLLGTTGNGLVLWTVFRSSREKRRSADIFIASLAVADLTFVV
TLPLWATYTYRDYDWPFGTFFCKLSSYLIFVNMYASVFCLTGLSFDRYLAIVRPVANARLRLRVSGAVATAVLWVLAALL
AMPVMVLRTTGDLENTTKVQCYMDYSMVATVSSEWAWEVGLGVSSTTVGFVVPFTIMLTCYFFIAQTIAGHFRKERIEGL
RKRRRLLSIIVVLVVTFALCWMPYHLVKTLYMLGSLLHWPCDFDLFLMNIFPYCTCISYVNSCLNPFLYAFFDPRFRQAC
TSMLCCGQSRCAGTSHSSSGEKSASYSSGHSQGPGPNMGKGGEQMHEKSIPYSQETLVVD
;
R
2 'polypeptide(L)'
;MGCTLSAEDKAAVERSKMIDRNLREDGEKAAREVKLLLLGAGESGKNTIVKQMKIIHEAGYSEEECKQYKAVVYSNTIQS
IIAIIRAMGRLKIDFGDSARADDARQLFVLAGAAEEGFMTAELAGVIKRLWKDSGVQACFNRSREYQLNDSAAYYLNDLD
RIAQPNYIPTQQDVLRTRVKTTGIVETHFTFKDLHFKMFDVGAQRSERKKWIHCFEGVTAIIFCVALSDYDLVLAEDEEM
NRMHASMKLFDSICNNKWFTDTSIILFLNKKDLFEEKIKKSPLTICYPEYAGSNTYEEAAAYIQCQFEDLNKRKDTKEIY
THFTCSTDTKNVQFVFDAVTDVIIKNNLKDCGLF
;
A
3 'polypeptide(L)'
;SELDQLRQEAEQLKNQIRDARKACADATLSQITNNIDPVGRIQMRTRRTLRGHLAKIYAMHWGTDSRLLVSASQDGKLII
WDSYTTNKVHAIPLRSSWVMTCAYAPSGNYVACGGLDNICSIYNLKTREGNVRVSRELAGHTGYLSCCRFLDDNQIVTSS
GDTTCALWDIETGQQTTTFTGHTGDVMSLSLAPDTRLFVSGACDASAKLWDVREGMCRQTFTGHESDINAICFFPNGNAF
ATGSDDATCRLFDLRADQELMTYSHDNIICGITSVSFSKSGRLLLAGYDDFNCNVWDALKADRAGVLAGHDNRVSCLGVT
DDGMAVATGSWDSFLKIWN
;
B
4 'polypeptide(L)' MASNNTASIAQARKLVEQLKMEANIDRIKVSKAAADLMAYCEAHAKEDPLLTPVPASENPFREKKFFCAIL G
5 'polypeptide(L)'
;DVQLVESGGGLVQPGGSRKLSCSASGFAFSSFGMHWVRQAPEKGLEWVAYISSGSGTIYYADTVKGRFTISRDDPKNTLF
LQMTSLRSEDTAMYYCVRSIYYYGSSPFDFWGQGTTLTVSSGGGGSGGGGSGGGGSDIVMTQATSSVPVTPGESVSISCR
SSKSLLHSNGNTYLYWFLQRPGQSPQLLIYRMSNLASGVPDRFSGSGSGTAFTLTISRLEAEDVGVYYCMQHLEYPLTFG
AGTKLELKGS
;
S
6 'polypeptide(L)' CRPRLCHKGP(NAL)PF L
#
# COMPACT_ATOMS: atom_id res chain seq x y z
N GLU A 18 -45.06 -43.36 -38.88
CA GLU A 18 -45.50 -42.21 -38.10
C GLU A 18 -45.41 -40.94 -38.94
N CYS A 19 -44.61 -39.99 -38.46
CA CYS A 19 -44.43 -38.70 -39.11
C CYS A 19 -43.02 -38.57 -39.63
N GLU A 20 -42.86 -37.78 -40.70
CA GLU A 20 -41.55 -37.47 -41.25
C GLU A 20 -40.97 -36.23 -40.60
N TYR A 21 -39.70 -36.28 -40.23
CA TYR A 21 -39.00 -35.16 -39.62
C TYR A 21 -37.93 -34.66 -40.58
N THR A 22 -37.98 -33.37 -40.90
CA THR A 22 -37.05 -32.73 -41.81
C THR A 22 -36.50 -31.45 -41.20
N ASP A 23 -35.50 -30.90 -41.87
CA ASP A 23 -34.93 -29.61 -41.52
C ASP A 23 -35.71 -28.48 -42.17
N TRP A 24 -35.58 -27.31 -41.57
CA TRP A 24 -36.17 -26.05 -42.10
C TRP A 24 -35.23 -25.58 -43.21
N LYS A 25 -35.73 -25.38 -44.42
CA LYS A 25 -34.84 -25.07 -45.54
C LYS A 25 -34.04 -23.80 -45.28
N SER A 26 -34.65 -22.81 -44.64
CA SER A 26 -33.98 -21.53 -44.47
C SER A 26 -32.94 -21.56 -43.35
N SER A 27 -32.93 -22.60 -42.53
CA SER A 27 -32.02 -22.62 -41.38
C SER A 27 -30.58 -22.76 -41.80
N GLY A 28 -30.30 -23.40 -42.93
CA GLY A 28 -28.93 -23.63 -43.34
C GLY A 28 -28.11 -22.36 -43.51
N ALA A 29 -28.73 -21.28 -43.92
CA ALA A 29 -28.07 -19.99 -44.04
C ALA A 29 -28.27 -19.10 -42.83
N LEU A 30 -29.47 -19.08 -42.26
CA LEU A 30 -29.78 -18.14 -41.13
C LEU A 30 -28.97 -18.48 -39.86
N ILE A 31 -28.79 -19.74 -39.53
CA ILE A 31 -28.08 -20.14 -38.31
C ILE A 31 -26.59 -19.83 -38.38
N PRO A 32 -25.84 -20.25 -39.41
CA PRO A 32 -24.42 -19.89 -39.43
C PRO A 32 -24.17 -18.42 -39.63
N ALA A 33 -25.09 -17.70 -40.25
CA ALA A 33 -24.97 -16.25 -40.34
C ALA A 33 -25.12 -15.60 -38.98
N ILE A 34 -26.04 -16.10 -38.16
CA ILE A 34 -26.21 -15.59 -36.80
C ILE A 34 -24.98 -15.89 -35.95
N TYR A 35 -24.43 -17.08 -36.08
CA TYR A 35 -23.21 -17.44 -35.31
C TYR A 35 -22.13 -16.40 -35.59
N MET A 36 -22.07 -15.92 -36.83
CA MET A 36 -21.06 -14.90 -37.25
C MET A 36 -21.30 -13.59 -36.50
N LEU A 37 -22.46 -12.98 -36.64
CA LEU A 37 -22.76 -11.69 -35.96
C LEU A 37 -22.50 -11.81 -34.46
N VAL A 38 -22.95 -12.89 -33.83
CA VAL A 38 -22.72 -13.11 -32.37
C VAL A 38 -21.21 -13.22 -32.13
N PHE A 39 -20.48 -13.89 -33.02
CA PHE A 39 -19.02 -14.07 -32.83
C PHE A 39 -18.31 -12.71 -32.95
N LEU A 40 -18.64 -11.90 -33.95
CA LEU A 40 -17.96 -10.61 -34.09
C LEU A 40 -18.39 -9.63 -33.01
N LEU A 41 -19.68 -9.58 -32.70
CA LEU A 41 -20.13 -8.65 -31.67
C LEU A 41 -19.68 -9.09 -30.28
N GLY A 42 -19.75 -10.38 -29.97
CA GLY A 42 -19.29 -10.84 -28.67
C GLY A 42 -17.80 -10.67 -28.49
N THR A 43 -17.04 -10.93 -29.56
CA THR A 43 -15.58 -10.77 -29.49
C THR A 43 -15.19 -9.33 -29.21
N THR A 44 -15.80 -8.35 -29.89
CA THR A 44 -15.47 -6.96 -29.62
C THR A 44 -15.91 -6.53 -28.24
N GLY A 45 -17.14 -6.85 -27.83
CA GLY A 45 -17.61 -6.44 -26.52
C GLY A 45 -16.78 -7.02 -25.39
N ASN A 46 -16.61 -8.33 -25.41
CA ASN A 46 -15.83 -9.01 -24.35
C ASN A 46 -14.36 -8.59 -24.43
N GLY A 47 -13.80 -8.41 -25.63
CA GLY A 47 -12.42 -8.02 -25.73
C GLY A 47 -12.14 -6.68 -25.07
N LEU A 48 -12.99 -5.70 -25.31
CA LEU A 48 -12.76 -4.36 -24.69
C LEU A 48 -12.88 -4.49 -23.17
N VAL A 49 -13.86 -5.23 -22.66
CA VAL A 49 -14.03 -5.36 -21.22
C VAL A 49 -12.86 -6.11 -20.60
N LEU A 50 -12.47 -7.23 -21.20
CA LEU A 50 -11.38 -8.04 -20.65
C LEU A 50 -10.06 -7.28 -20.67
N TRP A 51 -9.77 -6.58 -21.75
CA TRP A 51 -8.60 -5.72 -21.79
C TRP A 51 -8.67 -4.63 -20.73
N THR A 52 -9.79 -3.92 -20.67
CA THR A 52 -9.88 -2.79 -19.75
C THR A 52 -9.70 -3.23 -18.30
N VAL A 53 -10.28 -4.38 -17.93
CA VAL A 53 -10.18 -4.85 -16.56
C VAL A 53 -8.81 -5.44 -16.31
N PHE A 54 -8.38 -6.30 -17.22
CA PHE A 54 -7.13 -7.11 -17.18
C PHE A 54 -5.86 -6.26 -17.11
N ARG A 55 -5.79 -5.14 -17.80
CA ARG A 55 -4.59 -4.33 -17.91
C ARG A 55 -4.84 -2.89 -17.51
N SER A 56 -5.40 -2.66 -16.34
CA SER A 56 -5.64 -1.33 -15.82
C SER A 56 -5.40 -1.36 -14.32
N ARG A 62 -12.02 -1.24 -8.62
CA ARG A 62 -13.20 -1.43 -7.73
C ARG A 62 -13.36 -2.92 -7.43
N SER A 63 -14.28 -3.27 -6.53
CA SER A 63 -14.50 -4.66 -6.18
C SER A 63 -15.30 -5.35 -7.28
N ALA A 64 -15.17 -6.67 -7.33
CA ALA A 64 -15.85 -7.57 -8.23
C ALA A 64 -15.32 -7.46 -9.65
N ASP A 65 -14.22 -6.75 -9.81
CA ASP A 65 -13.55 -6.64 -11.14
C ASP A 65 -13.08 -8.05 -11.53
N ILE A 66 -12.86 -8.92 -10.55
CA ILE A 66 -12.44 -10.28 -10.81
C ILE A 66 -13.56 -11.07 -11.46
N PHE A 67 -14.80 -10.70 -11.14
CA PHE A 67 -15.98 -11.38 -11.74
C PHE A 67 -16.20 -10.87 -13.17
N ILE A 68 -15.97 -9.59 -13.43
CA ILE A 68 -16.13 -9.03 -14.76
C ILE A 68 -15.09 -9.60 -15.71
N ALA A 69 -13.84 -9.73 -15.26
CA ALA A 69 -12.84 -10.39 -16.07
C ALA A 69 -13.18 -11.86 -16.30
N SER A 70 -13.62 -12.57 -15.27
CA SER A 70 -14.00 -13.97 -15.44
C SER A 70 -15.19 -14.11 -16.36
N LEU A 71 -16.16 -13.22 -16.28
CA LEU A 71 -17.29 -13.25 -17.18
C LEU A 71 -16.87 -12.97 -18.60
N ALA A 72 -16.02 -11.98 -18.81
CA ALA A 72 -15.54 -11.66 -20.14
C ALA A 72 -14.79 -12.83 -20.76
N VAL A 73 -13.99 -13.53 -19.96
CA VAL A 73 -13.29 -14.69 -20.47
C VAL A 73 -14.27 -15.79 -20.85
N ALA A 74 -15.22 -16.03 -19.95
CA ALA A 74 -16.25 -17.08 -20.17
C ALA A 74 -17.07 -16.76 -21.42
N ASP A 75 -17.62 -15.56 -21.51
CA ASP A 75 -18.45 -15.18 -22.68
C ASP A 75 -17.55 -14.78 -23.86
N LEU A 76 -16.27 -14.54 -23.63
CA LEU A 76 -15.35 -14.20 -24.75
C LEU A 76 -14.73 -15.49 -25.31
N THR A 77 -14.88 -16.63 -24.63
CA THR A 77 -14.28 -17.90 -25.14
C THR A 77 -15.37 -18.90 -25.53
N PHE A 78 -16.62 -18.67 -25.13
CA PHE A 78 -17.75 -19.58 -25.45
C PHE A 78 -18.42 -19.09 -26.75
N VAL A 79 -18.09 -17.87 -27.19
CA VAL A 79 -18.64 -17.34 -28.48
C VAL A 79 -17.52 -17.31 -29.52
N VAL A 80 -16.27 -17.51 -29.09
CA VAL A 80 -15.06 -17.49 -29.96
C VAL A 80 -15.05 -18.66 -30.96
N THR A 81 -15.53 -19.84 -30.57
CA THR A 81 -15.47 -21.05 -31.43
C THR A 81 -16.73 -21.16 -32.31
N LEU A 82 -17.60 -20.15 -32.30
CA LEU A 82 -18.86 -20.18 -33.09
C LEU A 82 -18.58 -20.28 -34.60
N PRO A 83 -17.53 -19.64 -35.13
CA PRO A 83 -17.35 -19.75 -36.59
C PRO A 83 -17.21 -21.21 -37.06
N LEU A 84 -16.45 -22.03 -36.36
CA LEU A 84 -16.32 -23.47 -36.71
C LEU A 84 -17.72 -24.04 -36.94
N TRP A 85 -18.63 -23.87 -35.98
CA TRP A 85 -20.02 -24.36 -36.13
C TRP A 85 -20.69 -23.64 -37.30
N ALA A 86 -20.38 -22.37 -37.55
CA ALA A 86 -20.98 -21.70 -38.70
C ALA A 86 -20.61 -22.42 -39.99
N THR A 87 -19.35 -22.85 -40.11
CA THR A 87 -18.94 -23.69 -41.23
C THR A 87 -19.67 -25.02 -41.21
N TYR A 88 -19.76 -25.62 -40.03
CA TYR A 88 -20.41 -26.96 -39.91
C TYR A 88 -21.86 -26.89 -40.43
N THR A 89 -22.64 -25.90 -40.01
CA THR A 89 -24.04 -25.82 -40.44
C THR A 89 -24.16 -25.37 -41.88
N TYR A 90 -23.33 -24.42 -42.30
CA TYR A 90 -23.43 -23.92 -43.66
C TYR A 90 -23.15 -25.01 -44.67
N ARG A 91 -22.25 -25.92 -44.32
CA ARG A 91 -21.87 -27.03 -45.22
C ARG A 91 -22.93 -28.13 -45.15
N ASP A 92 -24.05 -27.90 -44.46
CA ASP A 92 -25.10 -28.94 -44.37
C ASP A 92 -24.73 -29.97 -43.30
N TYR A 93 -24.15 -29.55 -42.19
CA TYR A 93 -23.78 -30.50 -41.16
C TYR A 93 -22.65 -31.41 -41.62
N ASP A 94 -21.55 -30.76 -41.95
CA ASP A 94 -20.28 -31.37 -42.42
C ASP A 94 -19.18 -30.80 -41.51
N TRP A 95 -18.31 -31.63 -40.95
CA TRP A 95 -17.32 -31.11 -40.03
C TRP A 95 -15.89 -31.42 -40.48
N PRO A 96 -15.27 -30.54 -41.27
CA PRO A 96 -13.91 -30.73 -41.76
C PRO A 96 -12.81 -30.22 -40.82
N PHE A 97 -12.92 -30.57 -39.55
CA PHE A 97 -11.95 -30.12 -38.58
C PHE A 97 -11.37 -31.25 -37.73
N GLY A 98 -11.87 -32.47 -37.85
CA GLY A 98 -11.24 -33.59 -37.20
C GLY A 98 -11.76 -33.82 -35.79
N THR A 99 -11.25 -34.89 -35.19
CA THR A 99 -11.75 -35.32 -33.89
C THR A 99 -11.39 -34.30 -32.81
N PHE A 100 -10.20 -33.74 -32.90
CA PHE A 100 -9.71 -32.86 -31.85
C PHE A 100 -10.68 -31.72 -31.61
N PHE A 101 -11.11 -31.05 -32.67
CA PHE A 101 -11.97 -29.91 -32.46
C PHE A 101 -13.39 -30.31 -32.10
N CYS A 102 -13.90 -31.46 -32.54
CA CYS A 102 -15.19 -31.89 -32.02
C CYS A 102 -15.16 -31.88 -30.50
N LYS A 103 -14.18 -32.57 -29.92
CA LYS A 103 -14.05 -32.67 -28.45
C LYS A 103 -13.78 -31.32 -27.77
N LEU A 104 -12.90 -30.48 -28.32
CA LEU A 104 -12.56 -29.22 -27.69
C LEU A 104 -13.63 -28.16 -27.89
N SER A 105 -14.11 -28.01 -29.12
CA SER A 105 -15.10 -26.98 -29.41
C SER A 105 -16.38 -27.19 -28.62
N SER A 106 -16.81 -28.45 -28.55
CA SER A 106 -18.03 -28.82 -27.79
C SER A 106 -17.82 -28.55 -26.29
N TYR A 107 -16.67 -28.93 -25.76
CA TYR A 107 -16.38 -28.74 -24.31
C TYR A 107 -16.21 -27.26 -23.96
N LEU A 108 -15.35 -26.54 -24.67
CA LEU A 108 -15.10 -25.09 -24.39
C LEU A 108 -16.43 -24.34 -24.35
N ILE A 109 -17.29 -24.54 -25.35
CA ILE A 109 -18.62 -23.86 -25.42
C ILE A 109 -19.52 -24.38 -24.31
N PHE A 110 -19.38 -25.64 -23.90
CA PHE A 110 -20.24 -26.20 -22.83
C PHE A 110 -19.80 -25.66 -21.46
N VAL A 111 -18.54 -25.88 -21.08
CA VAL A 111 -18.05 -25.38 -19.76
C VAL A 111 -18.30 -23.87 -19.70
N ASN A 112 -18.18 -23.17 -20.83
CA ASN A 112 -18.41 -21.70 -20.83
C ASN A 112 -19.86 -21.46 -20.37
N MET A 113 -20.80 -22.25 -20.85
CA MET A 113 -22.20 -22.07 -20.40
C MET A 113 -22.17 -22.03 -18.87
N TYR A 114 -21.54 -23.02 -18.23
CA TYR A 114 -21.45 -23.03 -16.78
C TYR A 114 -20.69 -21.83 -16.24
N ALA A 115 -19.51 -21.56 -16.77
CA ALA A 115 -18.71 -20.48 -16.22
C ALA A 115 -19.42 -19.14 -16.37
N SER A 116 -20.15 -18.93 -17.46
CA SER A 116 -20.82 -17.64 -17.65
C SER A 116 -21.91 -17.45 -16.62
N VAL A 117 -22.76 -18.46 -16.46
CA VAL A 117 -23.90 -18.32 -15.55
C VAL A 117 -23.44 -18.33 -14.10
N PHE A 118 -22.33 -19.00 -13.82
CA PHE A 118 -21.73 -18.95 -12.49
C PHE A 118 -21.07 -17.61 -12.22
N CYS A 119 -20.40 -17.01 -13.20
CA CYS A 119 -19.86 -15.67 -13.02
C CYS A 119 -20.96 -14.65 -12.78
N LEU A 120 -22.07 -14.78 -13.51
CA LEU A 120 -23.18 -13.87 -13.26
C LEU A 120 -23.79 -14.12 -11.88
N THR A 121 -23.85 -15.38 -11.46
CA THR A 121 -24.28 -15.68 -10.09
C THR A 121 -23.32 -15.12 -9.05
N GLY A 122 -22.01 -15.24 -9.29
CA GLY A 122 -21.05 -14.64 -8.37
C GLY A 122 -21.21 -13.15 -8.25
N LEU A 123 -21.52 -12.45 -9.33
CA LEU A 123 -21.78 -11.02 -9.23
C LEU A 123 -22.99 -10.73 -8.37
N SER A 124 -24.08 -11.48 -8.54
CA SER A 124 -25.27 -11.22 -7.76
C SER A 124 -25.06 -11.51 -6.29
N PHE A 125 -24.30 -12.54 -5.96
CA PHE A 125 -23.98 -12.84 -4.57
C PHE A 125 -23.01 -11.83 -3.98
N ASP A 126 -21.99 -11.46 -4.73
CA ASP A 126 -21.07 -10.44 -4.24
C ASP A 126 -21.78 -9.13 -4.00
N ARG A 127 -22.66 -8.75 -4.91
CA ARG A 127 -23.43 -7.50 -4.73
C ARG A 127 -24.33 -7.66 -3.50
N TYR A 128 -24.99 -8.80 -3.33
CA TYR A 128 -25.86 -8.98 -2.15
C TYR A 128 -25.07 -8.71 -0.87
N LEU A 129 -23.90 -9.33 -0.73
CA LEU A 129 -23.12 -9.15 0.48
C LEU A 129 -22.69 -7.70 0.65
N ALA A 130 -22.35 -7.04 -0.43
CA ALA A 130 -21.82 -5.70 -0.34
C ALA A 130 -22.90 -4.69 -0.03
N ILE A 131 -24.10 -4.91 -0.52
CA ILE A 131 -25.15 -3.92 -0.51
C ILE A 131 -26.12 -4.14 0.62
N VAL A 132 -26.62 -5.36 0.81
CA VAL A 132 -27.76 -5.53 1.68
C VAL A 132 -27.37 -5.43 3.14
N ARG A 133 -26.27 -6.05 3.56
CA ARG A 133 -25.78 -5.92 4.93
C ARG A 133 -24.28 -5.66 4.90
N PRO A 134 -23.89 -4.42 4.65
CA PRO A 134 -22.47 -4.12 4.44
C PRO A 134 -21.59 -4.37 5.64
N VAL A 135 -22.15 -4.39 6.84
CA VAL A 135 -21.39 -4.56 8.05
C VAL A 135 -21.38 -6.00 8.50
N ALA A 136 -22.55 -6.60 8.64
CA ALA A 136 -22.63 -7.98 9.10
C ALA A 136 -21.89 -8.93 8.17
N ASN A 137 -21.90 -8.67 6.87
CA ASN A 137 -21.25 -9.49 5.87
C ASN A 137 -19.88 -8.98 5.48
N ALA A 138 -19.34 -7.98 6.17
CA ALA A 138 -18.04 -7.43 5.78
C ALA A 138 -16.96 -8.49 5.85
N ARG A 139 -16.99 -9.32 6.89
CA ARG A 139 -15.98 -10.35 7.08
C ARG A 139 -16.25 -11.56 6.21
N LEU A 140 -17.53 -11.80 5.91
CA LEU A 140 -17.88 -12.94 5.07
C LEU A 140 -17.41 -12.74 3.65
N ARG A 141 -17.69 -11.57 3.07
CA ARG A 141 -17.36 -11.34 1.68
C ARG A 141 -15.89 -11.59 1.42
N LEU A 142 -15.04 -11.20 2.36
CA LEU A 142 -13.60 -11.39 2.17
C LEU A 142 -13.24 -12.86 2.13
N ARG A 143 -14.05 -13.70 2.73
CA ARG A 143 -13.72 -15.11 2.85
C ARG A 143 -14.30 -15.96 1.73
N VAL A 144 -15.50 -15.64 1.25
CA VAL A 144 -16.17 -16.52 0.29
C VAL A 144 -16.32 -15.91 -1.09
N SER A 145 -15.96 -14.66 -1.32
CA SER A 145 -16.10 -14.08 -2.63
C SER A 145 -14.73 -13.81 -3.24
N GLY A 146 -14.73 -13.01 -4.29
CA GLY A 146 -13.48 -12.66 -4.93
C GLY A 146 -12.81 -13.86 -5.52
N ALA A 147 -11.52 -14.04 -5.23
CA ALA A 147 -10.76 -15.13 -5.84
C ALA A 147 -11.35 -16.48 -5.50
N VAL A 148 -11.98 -16.60 -4.33
CA VAL A 148 -12.50 -17.89 -3.86
C VAL A 148 -13.67 -18.34 -4.73
N ALA A 149 -14.61 -17.42 -4.98
CA ALA A 149 -15.76 -17.74 -5.79
C ALA A 149 -15.37 -18.02 -7.23
N THR A 150 -14.41 -17.29 -7.78
CA THR A 150 -14.03 -17.52 -9.16
C THR A 150 -13.21 -18.78 -9.32
N ALA A 151 -12.37 -19.11 -8.35
CA ALA A 151 -11.65 -20.37 -8.42
C ALA A 151 -12.60 -21.55 -8.38
N VAL A 152 -13.63 -21.47 -7.55
CA VAL A 152 -14.59 -22.57 -7.45
C VAL A 152 -15.42 -22.69 -8.72
N LEU A 153 -15.87 -21.57 -9.27
CA LEU A 153 -16.74 -21.69 -10.43
C LEU A 153 -15.99 -22.18 -11.65
N TRP A 154 -14.72 -21.80 -11.80
CA TRP A 154 -13.96 -22.31 -12.93
C TRP A 154 -13.65 -23.79 -12.79
N VAL A 155 -13.32 -24.26 -11.59
CA VAL A 155 -13.08 -25.69 -11.43
C VAL A 155 -14.40 -26.47 -11.49
N LEU A 156 -15.45 -25.97 -10.85
CA LEU A 156 -16.74 -26.65 -10.89
C LEU A 156 -17.29 -26.75 -12.30
N ALA A 157 -17.23 -25.66 -13.05
CA ALA A 157 -17.65 -25.67 -14.45
C ALA A 157 -16.84 -26.66 -15.26
N ALA A 158 -15.52 -26.68 -15.07
CA ALA A 158 -14.68 -27.62 -15.80
C ALA A 158 -15.07 -29.07 -15.52
N LEU A 159 -15.40 -29.38 -14.27
CA LEU A 159 -15.78 -30.74 -13.93
C LEU A 159 -17.17 -31.07 -14.46
N LEU A 160 -18.10 -30.13 -14.35
CA LEU A 160 -19.47 -30.38 -14.80
C LEU A 160 -19.52 -30.68 -16.28
N ALA A 161 -18.69 -30.01 -17.08
CA ALA A 161 -18.64 -30.24 -18.51
C ALA A 161 -17.76 -31.41 -18.91
N MET A 162 -17.08 -32.07 -17.98
CA MET A 162 -16.10 -33.08 -18.35
C MET A 162 -16.65 -34.17 -19.26
N PRO A 163 -17.86 -34.70 -19.06
CA PRO A 163 -18.39 -35.70 -19.97
C PRO A 163 -18.37 -35.31 -21.44
N VAL A 164 -18.45 -34.02 -21.74
CA VAL A 164 -18.47 -33.58 -23.16
C VAL A 164 -17.07 -33.76 -23.79
N MET A 165 -16.00 -33.50 -23.06
CA MET A 165 -14.65 -33.66 -23.65
C MET A 165 -14.39 -35.15 -23.90
N VAL A 166 -14.98 -36.05 -23.12
CA VAL A 166 -14.71 -37.46 -23.32
C VAL A 166 -15.68 -38.07 -24.32
N LEU A 167 -16.97 -37.75 -24.23
CA LEU A 167 -17.96 -38.45 -25.04
C LEU A 167 -18.18 -37.86 -26.43
N ARG A 168 -17.84 -36.59 -26.62
CA ARG A 168 -18.07 -35.98 -27.95
C ARG A 168 -17.06 -36.57 -28.93
N THR A 169 -17.53 -37.08 -30.07
CA THR A 169 -16.63 -37.62 -31.08
C THR A 169 -17.09 -37.28 -32.49
N THR A 170 -16.37 -37.78 -33.50
CA THR A 170 -16.68 -37.51 -34.89
C THR A 170 -16.81 -38.84 -35.63
N GLY A 171 -17.59 -38.82 -36.67
CA GLY A 171 -17.71 -39.99 -37.49
C GLY A 171 -18.56 -39.68 -38.68
N ASP A 172 -18.87 -40.72 -39.43
CA ASP A 172 -19.58 -40.58 -40.69
C ASP A 172 -20.67 -41.62 -40.70
N LEU A 173 -21.91 -41.20 -40.47
CA LEU A 173 -22.97 -42.19 -40.40
C LEU A 173 -23.28 -42.64 -41.82
N GLU A 174 -23.47 -43.94 -42.00
CA GLU A 174 -23.68 -44.46 -43.34
C GLU A 174 -24.97 -43.93 -43.94
N ASN A 175 -25.84 -43.36 -43.12
CA ASN A 175 -27.13 -42.87 -43.57
C ASN A 175 -27.08 -41.40 -43.96
N THR A 176 -25.94 -40.73 -43.78
CA THR A 176 -25.81 -39.31 -44.08
C THR A 176 -24.67 -39.00 -45.03
N THR A 177 -23.61 -39.82 -45.01
CA THR A 177 -22.38 -39.54 -45.77
C THR A 177 -21.82 -38.16 -45.46
N LYS A 178 -21.81 -37.81 -44.18
CA LYS A 178 -21.28 -36.53 -43.74
C LYS A 178 -20.47 -36.74 -42.47
N VAL A 179 -19.45 -35.90 -42.29
CA VAL A 179 -18.64 -35.91 -41.10
C VAL A 179 -19.27 -35.00 -40.06
N GLN A 180 -19.70 -35.54 -38.93
CA GLN A 180 -20.41 -34.67 -37.96
C GLN A 180 -20.08 -35.06 -36.51
N CYS A 181 -20.10 -34.07 -35.63
CA CYS A 181 -19.86 -34.26 -34.22
C CYS A 181 -21.12 -34.84 -33.57
N TYR A 182 -20.95 -35.73 -32.61
CA TYR A 182 -22.11 -36.28 -31.92
C TYR A 182 -21.68 -36.87 -30.58
N MET A 183 -22.67 -37.10 -29.72
CA MET A 183 -22.48 -37.77 -28.44
C MET A 183 -23.06 -39.17 -28.56
N ASP A 184 -22.19 -40.17 -28.70
CA ASP A 184 -22.69 -41.52 -28.93
C ASP A 184 -23.15 -42.20 -27.64
N TYR A 185 -22.39 -42.05 -26.56
CA TYR A 185 -22.63 -42.66 -25.26
C TYR A 185 -22.48 -44.18 -25.31
N SER A 186 -21.85 -44.71 -26.35
CA SER A 186 -21.67 -46.16 -26.41
C SER A 186 -20.68 -46.63 -25.37
N MET A 187 -19.90 -45.71 -24.80
CA MET A 187 -18.90 -46.10 -23.83
C MET A 187 -19.51 -46.20 -22.44
N VAL A 188 -20.69 -45.63 -22.25
CA VAL A 188 -21.26 -45.42 -20.92
C VAL A 188 -22.66 -45.98 -20.78
N ALA A 189 -23.35 -46.33 -21.86
CA ALA A 189 -24.73 -46.73 -21.73
C ALA A 189 -25.08 -47.81 -22.74
N THR A 190 -26.11 -48.57 -22.43
CA THR A 190 -26.62 -49.56 -23.36
C THR A 190 -28.07 -49.25 -23.72
N VAL A 191 -28.67 -50.13 -24.52
CA VAL A 191 -29.98 -49.82 -25.08
C VAL A 191 -30.99 -49.51 -23.99
N SER A 192 -30.85 -50.12 -22.82
CA SER A 192 -31.80 -49.87 -21.74
C SER A 192 -31.51 -48.59 -20.99
N SER A 193 -30.34 -47.98 -21.19
CA SER A 193 -29.92 -46.83 -20.40
C SER A 193 -29.43 -45.67 -21.26
N GLU A 194 -29.36 -45.85 -22.58
CA GLU A 194 -28.91 -44.76 -23.44
C GLU A 194 -29.84 -43.55 -23.33
N TRP A 195 -31.15 -43.78 -23.24
CA TRP A 195 -32.06 -42.67 -23.10
C TRP A 195 -31.97 -42.05 -21.71
N ALA A 196 -31.76 -42.88 -20.69
CA ALA A 196 -31.61 -42.34 -19.35
C ALA A 196 -30.35 -41.51 -19.19
N TRP A 197 -29.26 -41.90 -19.86
CA TRP A 197 -28.05 -41.10 -19.82
C TRP A 197 -28.26 -39.71 -20.37
N GLU A 198 -28.90 -39.61 -21.54
CA GLU A 198 -29.22 -38.32 -22.13
C GLU A 198 -30.09 -37.48 -21.20
N VAL A 199 -31.15 -38.08 -20.64
CA VAL A 199 -32.04 -37.34 -19.75
C VAL A 199 -31.31 -36.89 -18.49
N GLY A 200 -30.48 -37.76 -17.91
CA GLY A 200 -29.73 -37.36 -16.73
C GLY A 200 -28.86 -36.16 -17.01
N LEU A 201 -28.11 -36.20 -18.12
CA LEU A 201 -27.25 -35.08 -18.43
C LEU A 201 -28.05 -33.82 -18.71
N GLY A 202 -29.17 -33.93 -19.43
CA GLY A 202 -29.97 -32.76 -19.70
C GLY A 202 -30.55 -32.12 -18.46
N VAL A 203 -31.21 -32.91 -17.61
CA VAL A 203 -31.86 -32.37 -16.42
C VAL A 203 -30.83 -31.83 -15.45
N SER A 204 -29.73 -32.53 -15.26
CA SER A 204 -28.68 -32.08 -14.36
C SER A 204 -28.08 -30.77 -14.84
N SER A 205 -27.70 -30.73 -16.11
CA SER A 205 -27.08 -29.52 -16.70
C SER A 205 -28.04 -28.33 -16.56
N THR A 206 -29.32 -28.52 -16.84
CA THR A 206 -30.27 -27.42 -16.68
C THR A 206 -30.43 -27.03 -15.24
N THR A 207 -30.59 -28.01 -14.36
CA THR A 207 -30.79 -27.66 -12.92
C THR A 207 -29.55 -26.96 -12.38
N VAL A 208 -28.36 -27.49 -12.61
CA VAL A 208 -27.11 -26.83 -12.13
C VAL A 208 -26.88 -25.56 -12.95
N GLY A 209 -27.04 -25.66 -14.27
CA GLY A 209 -26.80 -24.54 -15.20
C GLY A 209 -27.78 -23.38 -15.10
N PHE A 210 -29.08 -23.64 -14.97
CA PHE A 210 -30.04 -22.50 -14.97
C PHE A 210 -30.96 -22.50 -13.74
N VAL A 211 -31.61 -23.61 -13.41
CA VAL A 211 -32.60 -23.57 -12.27
C VAL A 211 -31.87 -23.19 -10.97
N VAL A 212 -30.68 -23.73 -10.70
CA VAL A 212 -30.02 -23.29 -9.43
C VAL A 212 -29.46 -21.86 -9.48
N PRO A 213 -28.72 -21.49 -10.55
CA PRO A 213 -28.06 -20.17 -10.66
C PRO A 213 -29.00 -18.95 -10.72
N PHE A 214 -30.06 -19.04 -11.49
CA PHE A 214 -31.09 -17.98 -11.64
C PHE A 214 -31.79 -17.74 -10.30
N THR A 215 -31.92 -18.76 -9.46
CA THR A 215 -32.58 -18.60 -8.14
C THR A 215 -31.63 -17.91 -7.18
N ILE A 216 -30.32 -18.00 -7.41
CA ILE A 216 -29.30 -17.32 -6.55
C ILE A 216 -29.07 -15.91 -7.10
N MET A 217 -29.63 -15.59 -8.26
CA MET A 217 -29.48 -14.24 -8.86
C MET A 217 -30.80 -13.49 -8.69
N LEU A 218 -31.92 -14.19 -8.60
CA LEU A 218 -33.24 -13.51 -8.44
C LEU A 218 -33.50 -13.26 -6.94
N THR A 219 -32.68 -13.82 -6.06
CA THR A 219 -32.84 -13.61 -4.60
C THR A 219 -31.78 -12.62 -4.13
N CYS A 220 -30.60 -12.63 -4.76
CA CYS A 220 -29.52 -11.67 -4.41
C CYS A 220 -29.92 -10.30 -4.98
N TYR A 221 -30.64 -10.29 -6.08
CA TYR A 221 -31.07 -9.00 -6.70
C TYR A 221 -32.42 -8.57 -6.14
N PHE A 222 -33.18 -9.47 -5.51
CA PHE A 222 -34.45 -9.02 -4.91
C PHE A 222 -34.13 -8.37 -3.56
N PHE A 223 -33.06 -8.81 -2.90
CA PHE A 223 -32.64 -8.24 -1.60
C PHE A 223 -31.78 -7.00 -1.85
N ILE A 224 -31.28 -6.86 -3.09
CA ILE A 224 -30.47 -5.67 -3.49
C ILE A 224 -31.41 -4.62 -4.12
N ALA A 225 -32.61 -5.03 -4.55
CA ALA A 225 -33.61 -4.12 -5.13
C ALA A 225 -34.66 -3.81 -4.07
N GLN A 226 -34.44 -4.25 -2.83
CA GLN A 226 -35.36 -3.96 -1.70
C GLN A 226 -34.64 -3.02 -0.74
N THR A 227 -33.32 -3.05 -0.76
CA THR A 227 -32.48 -2.15 0.07
C THR A 227 -32.38 -0.80 -0.63
N ILE A 228 -32.18 -0.80 -1.95
CA ILE A 228 -32.07 0.47 -2.73
C ILE A 228 -33.36 1.26 -2.52
N ALA A 229 -34.51 0.63 -2.64
CA ALA A 229 -35.81 1.31 -2.47
C ALA A 229 -35.84 2.05 -1.12
N GLY A 230 -35.45 1.38 -0.04
CA GLY A 230 -35.49 2.02 1.30
C GLY A 230 -34.31 2.95 1.53
N HIS A 231 -33.20 2.77 0.82
CA HIS A 231 -32.01 3.64 1.03
C HIS A 231 -32.00 4.82 0.07
N PHE A 232 -32.94 4.93 -0.86
CA PHE A 232 -32.96 6.08 -1.78
C PHE A 232 -34.32 6.73 -1.68
N ARG A 233 -34.35 7.91 -1.08
CA ARG A 233 -35.60 8.58 -0.80
C ARG A 233 -36.17 9.18 -2.08
N LYS A 234 -37.48 9.10 -2.21
CA LYS A 234 -38.19 9.65 -3.36
C LYS A 234 -38.50 11.12 -3.24
N GLU A 235 -38.41 11.69 -2.02
CA GLU A 235 -38.77 13.09 -1.86
C GLU A 235 -37.82 14.00 -2.62
N ARG A 236 -36.55 13.65 -2.70
CA ARG A 236 -35.59 14.49 -3.40
C ARG A 236 -35.42 13.94 -4.81
N ILE A 237 -35.29 14.84 -5.78
CA ILE A 237 -35.18 14.44 -7.17
C ILE A 237 -33.90 13.67 -7.44
N GLU A 238 -32.83 13.99 -6.70
CA GLU A 238 -31.58 13.25 -6.89
C GLU A 238 -31.73 11.80 -6.42
N GLY A 239 -32.38 11.60 -5.28
CA GLY A 239 -32.61 10.26 -4.81
C GLY A 239 -33.58 9.52 -5.69
N LEU A 240 -34.59 10.20 -6.19
CA LEU A 240 -35.60 9.56 -7.03
C LEU A 240 -35.00 9.08 -8.35
N ARG A 241 -34.18 9.94 -8.95
CA ARG A 241 -33.51 9.63 -10.25
C ARG A 241 -32.57 8.42 -10.06
N LYS A 242 -31.81 8.38 -8.97
CA LYS A 242 -30.95 7.24 -8.71
C LYS A 242 -31.76 6.01 -8.34
N ARG A 243 -32.82 6.20 -7.57
CA ARG A 243 -33.67 5.06 -7.15
C ARG A 243 -34.26 4.38 -8.39
N ARG A 244 -34.72 5.14 -9.37
CA ARG A 244 -35.28 4.56 -10.58
C ARG A 244 -34.22 3.92 -11.45
N ARG A 245 -33.08 4.57 -11.63
CA ARG A 245 -32.02 4.01 -12.46
C ARG A 245 -31.46 2.74 -11.85
N LEU A 246 -31.24 2.73 -10.55
CA LEU A 246 -30.67 1.55 -9.90
C LEU A 246 -31.65 0.40 -9.90
N LEU A 247 -32.92 0.65 -9.63
CA LEU A 247 -33.89 -0.43 -9.65
C LEU A 247 -34.16 -0.92 -11.06
N SER A 248 -34.15 -0.02 -12.03
CA SER A 248 -34.39 -0.36 -13.42
C SER A 248 -33.33 -1.29 -13.96
N ILE A 249 -32.05 -0.98 -13.70
CA ILE A 249 -31.01 -1.86 -14.23
C ILE A 249 -31.08 -3.23 -13.58
N ILE A 250 -31.43 -3.31 -12.30
CA ILE A 250 -31.50 -4.63 -11.67
C ILE A 250 -32.55 -5.48 -12.36
N VAL A 251 -33.69 -4.88 -12.68
CA VAL A 251 -34.72 -5.60 -13.42
C VAL A 251 -34.18 -6.06 -14.76
N VAL A 252 -33.46 -5.19 -15.46
CA VAL A 252 -32.89 -5.56 -16.74
C VAL A 252 -31.91 -6.72 -16.59
N LEU A 253 -31.07 -6.69 -15.57
CA LEU A 253 -30.07 -7.73 -15.39
C LEU A 253 -30.72 -9.08 -15.17
N VAL A 254 -31.77 -9.11 -14.34
CA VAL A 254 -32.43 -10.37 -14.04
C VAL A 254 -33.25 -10.85 -15.24
N VAL A 255 -34.00 -9.94 -15.86
CA VAL A 255 -34.86 -10.28 -16.98
C VAL A 255 -34.04 -10.69 -18.19
N THR A 256 -32.97 -9.97 -18.50
CA THR A 256 -32.12 -10.32 -19.62
C THR A 256 -31.58 -11.73 -19.50
N PHE A 257 -31.11 -12.11 -18.30
CA PHE A 257 -30.65 -13.48 -18.12
C PHE A 257 -31.77 -14.46 -18.46
N ALA A 258 -32.95 -14.26 -17.90
CA ALA A 258 -34.03 -15.22 -18.13
C ALA A 258 -34.42 -15.28 -19.59
N LEU A 259 -34.54 -14.13 -20.26
CA LEU A 259 -34.97 -14.11 -21.65
C LEU A 259 -33.95 -14.72 -22.58
N CYS A 260 -32.67 -14.61 -22.25
CA CYS A 260 -31.65 -15.19 -23.11
C CYS A 260 -31.50 -16.69 -22.88
N TRP A 261 -31.44 -17.13 -21.63
CA TRP A 261 -31.13 -18.53 -21.40
C TRP A 261 -32.35 -19.43 -21.30
N MET A 262 -33.47 -18.85 -20.86
CA MET A 262 -34.74 -19.59 -20.65
C MET A 262 -35.16 -20.27 -21.95
N PRO A 263 -35.08 -19.59 -23.10
CA PRO A 263 -35.49 -20.23 -24.36
C PRO A 263 -34.78 -21.57 -24.59
N TYR A 264 -33.44 -21.58 -24.50
CA TYR A 264 -32.63 -22.81 -24.72
C TYR A 264 -32.88 -23.85 -23.62
N HIS A 265 -33.25 -23.44 -22.43
CA HIS A 265 -33.50 -24.40 -21.30
C HIS A 265 -34.97 -24.79 -21.25
N LEU A 266 -35.80 -24.28 -22.15
CA LEU A 266 -37.24 -24.64 -22.17
C LEU A 266 -37.46 -25.58 -23.36
N VAL A 267 -36.59 -25.52 -24.37
CA VAL A 267 -36.76 -26.45 -25.49
C VAL A 267 -36.01 -27.74 -25.24
N LYS A 268 -34.79 -27.62 -24.73
CA LYS A 268 -33.96 -28.81 -24.43
C LYS A 268 -34.73 -29.75 -23.50
N THR A 269 -35.32 -29.21 -22.44
CA THR A 269 -36.07 -30.02 -21.48
C THR A 269 -37.30 -30.64 -22.12
N LEU A 270 -38.09 -29.85 -22.83
CA LEU A 270 -39.30 -30.37 -23.44
C LEU A 270 -38.97 -31.41 -24.49
N TYR A 271 -37.93 -31.13 -25.27
CA TYR A 271 -37.45 -32.02 -26.35
C TYR A 271 -37.11 -33.39 -25.78
N MET A 272 -36.25 -33.43 -24.77
CA MET A 272 -35.85 -34.71 -24.12
C MET A 272 -37.11 -35.43 -23.63
N LEU A 273 -37.97 -34.72 -22.91
CA LEU A 273 -39.19 -35.30 -22.38
C LEU A 273 -40.07 -35.89 -23.46
N GLY A 274 -40.01 -35.35 -24.67
CA GLY A 274 -40.77 -35.91 -25.77
C GLY A 274 -40.46 -37.36 -26.07
N SER A 275 -39.36 -37.88 -25.55
CA SER A 275 -39.02 -39.30 -25.70
C SER A 275 -39.79 -40.16 -24.73
N LEU A 276 -40.37 -39.57 -23.70
CA LEU A 276 -41.12 -40.30 -22.68
C LEU A 276 -42.59 -40.01 -22.75
N LEU A 277 -42.96 -38.80 -23.19
CA LEU A 277 -44.33 -38.31 -23.23
C LEU A 277 -44.89 -38.51 -24.62
N HIS A 278 -46.19 -38.31 -24.75
CA HIS A 278 -46.89 -38.49 -26.02
C HIS A 278 -47.25 -37.14 -26.62
N TRP A 279 -46.36 -36.61 -27.50
CA TRP A 279 -46.69 -35.37 -28.18
C TRP A 279 -47.05 -35.66 -29.64
N PRO A 280 -47.84 -34.82 -30.32
CA PRO A 280 -48.26 -35.12 -31.71
C PRO A 280 -47.16 -34.84 -32.73
N CYS A 281 -46.11 -35.64 -32.67
CA CYS A 281 -44.97 -35.71 -33.60
C CYS A 281 -44.57 -34.34 -34.11
N ASP A 282 -45.43 -33.67 -34.89
CA ASP A 282 -45.03 -32.40 -35.48
C ASP A 282 -44.66 -31.42 -34.40
N PHE A 283 -45.20 -31.64 -33.19
CA PHE A 283 -44.81 -30.85 -32.04
C PHE A 283 -43.30 -30.92 -31.82
N ASP A 284 -42.74 -32.13 -31.83
CA ASP A 284 -41.30 -32.27 -31.70
C ASP A 284 -40.56 -31.77 -32.92
N LEU A 285 -41.16 -31.87 -34.11
CA LEU A 285 -40.52 -31.30 -35.27
C LEU A 285 -40.39 -29.79 -35.14
N PHE A 286 -41.42 -29.13 -34.61
CA PHE A 286 -41.29 -27.72 -34.29
C PHE A 286 -40.12 -27.46 -33.36
N LEU A 287 -40.00 -28.23 -32.28
CA LEU A 287 -38.90 -28.03 -31.35
C LEU A 287 -37.56 -28.20 -32.05
N MET A 288 -37.47 -29.18 -32.95
CA MET A 288 -36.27 -29.41 -33.74
C MET A 288 -35.93 -28.20 -34.59
N ASN A 289 -36.94 -27.57 -35.19
CA ASN A 289 -36.69 -26.47 -36.11
C ASN A 289 -36.36 -25.19 -35.36
N ILE A 290 -36.95 -24.99 -34.18
CA ILE A 290 -36.70 -23.76 -33.43
C ILE A 290 -35.47 -23.89 -32.58
N PHE A 291 -35.18 -25.11 -32.12
CA PHE A 291 -34.02 -25.39 -31.22
C PHE A 291 -32.73 -24.76 -31.72
N PRO A 292 -32.47 -24.78 -33.04
CA PRO A 292 -31.23 -24.16 -33.50
C PRO A 292 -31.23 -22.66 -33.18
N TYR A 293 -32.36 -21.99 -33.36
CA TYR A 293 -32.48 -20.53 -33.10
C TYR A 293 -32.46 -20.27 -31.58
N CYS A 294 -33.15 -21.10 -30.79
CA CYS A 294 -33.15 -20.93 -29.31
C CYS A 294 -31.68 -20.90 -28.85
N THR A 295 -30.91 -21.90 -29.26
CA THR A 295 -29.48 -21.95 -28.99
C THR A 295 -28.79 -20.65 -29.38
N CYS A 296 -29.13 -20.12 -30.54
CA CYS A 296 -28.52 -18.84 -31.02
C CYS A 296 -28.92 -17.70 -30.09
N ILE A 297 -29.83 -17.94 -29.14
CA ILE A 297 -30.30 -16.88 -28.21
C ILE A 297 -29.34 -16.76 -27.01
N SER A 298 -28.62 -17.82 -26.67
CA SER A 298 -27.69 -17.77 -25.52
C SER A 298 -26.40 -17.02 -25.89
N TYR A 299 -26.10 -16.85 -27.18
CA TYR A 299 -24.88 -16.11 -27.58
C TYR A 299 -25.14 -14.61 -27.49
N VAL A 300 -26.41 -14.21 -27.50
CA VAL A 300 -26.78 -12.77 -27.36
C VAL A 300 -26.38 -12.35 -25.93
N ASN A 301 -26.63 -13.22 -24.97
CA ASN A 301 -26.26 -12.97 -23.55
C ASN A 301 -24.77 -12.64 -23.50
N SER A 302 -23.92 -13.46 -24.12
CA SER A 302 -22.46 -13.22 -24.13
C SER A 302 -22.12 -11.91 -24.84
N CYS A 303 -23.04 -11.37 -25.62
CA CYS A 303 -22.80 -10.09 -26.35
C CYS A 303 -23.33 -8.92 -25.52
N LEU A 304 -24.41 -9.12 -24.77
CA LEU A 304 -24.98 -8.04 -23.91
C LEU A 304 -24.27 -8.04 -22.56
N ASN A 305 -23.61 -9.12 -22.19
CA ASN A 305 -22.90 -9.21 -20.88
C ASN A 305 -21.98 -8.01 -20.68
N PRO A 306 -21.06 -7.75 -21.63
CA PRO A 306 -20.11 -6.64 -21.57
C PRO A 306 -20.79 -5.28 -21.34
N PHE A 307 -21.92 -4.99 -21.98
CA PHE A 307 -22.55 -3.67 -21.69
C PHE A 307 -23.08 -3.61 -20.25
N LEU A 308 -23.78 -4.65 -19.79
CA LEU A 308 -24.46 -4.71 -18.46
C LEU A 308 -23.54 -4.77 -17.22
N TYR A 309 -22.50 -5.59 -17.18
CA TYR A 309 -21.73 -5.76 -15.91
C TYR A 309 -20.36 -5.05 -15.91
N ALA A 310 -20.05 -4.24 -16.90
CA ALA A 310 -18.73 -3.57 -16.98
C ALA A 310 -18.80 -2.34 -17.87
N PHE A 311 -19.98 -1.97 -18.37
CA PHE A 311 -20.12 -0.77 -19.22
C PHE A 311 -21.27 0.09 -18.69
N PHE A 312 -21.83 -0.30 -17.55
CA PHE A 312 -22.92 0.46 -16.93
C PHE A 312 -22.36 1.60 -16.11
N ASP A 313 -21.28 1.34 -15.39
CA ASP A 313 -20.66 2.38 -14.51
C ASP A 313 -19.96 3.43 -15.38
N PRO A 314 -20.37 4.70 -15.28
CA PRO A 314 -19.86 5.86 -16.02
C PRO A 314 -18.34 6.02 -15.92
N ARG A 315 -17.77 5.87 -14.73
CA ARG A 315 -16.30 6.03 -14.55
C ARG A 315 -15.57 4.96 -15.37
N PHE A 316 -16.05 3.72 -15.36
CA PHE A 316 -15.40 2.63 -16.13
C PHE A 316 -15.47 2.93 -17.63
N ARG A 317 -16.61 3.42 -18.11
CA ARG A 317 -16.77 3.72 -19.55
C ARG A 317 -15.80 4.83 -19.97
N GLN A 318 -15.67 5.89 -19.16
CA GLN A 318 -14.74 7.00 -19.50
C GLN A 318 -13.30 6.48 -19.52
N ALA A 319 -12.93 5.64 -18.55
CA ALA A 319 -11.56 5.09 -18.48
C ALA A 319 -11.27 4.25 -19.73
N CYS A 320 -12.23 3.45 -20.18
CA CYS A 320 -12.05 2.58 -21.37
C CYS A 320 -11.81 3.46 -22.61
N THR A 321 -12.54 4.56 -22.76
CA THR A 321 -12.36 5.44 -23.94
C THR A 321 -10.95 6.03 -23.94
N SER A 322 -10.46 6.47 -22.79
CA SER A 322 -9.09 7.05 -22.71
C SER A 322 -8.05 5.97 -23.07
N MET A 323 -8.22 4.76 -22.56
CA MET A 323 -7.27 3.65 -22.85
C MET A 323 -7.31 3.33 -24.35
N LEU A 324 -8.50 3.32 -24.94
CA LEU A 324 -8.67 2.99 -26.39
C LEU A 324 -7.92 4.04 -27.23
N CYS A 325 -8.01 5.31 -26.88
CA CYS A 325 -7.31 6.38 -27.65
C CYS A 325 -6.13 6.92 -26.84
N CYS B 3 16.81 -20.98 -3.41
CA CYS B 3 17.45 -20.94 -4.71
C CYS B 3 18.32 -19.68 -4.81
N THR B 4 19.64 -19.87 -4.75
CA THR B 4 20.71 -18.85 -4.75
C THR B 4 20.71 -17.95 -3.52
N LEU B 5 19.70 -17.99 -2.67
CA LEU B 5 19.70 -17.17 -1.46
C LEU B 5 20.59 -17.82 -0.41
N SER B 6 21.21 -17.00 0.42
CA SER B 6 21.95 -17.56 1.53
C SER B 6 20.98 -18.01 2.61
N ALA B 7 21.50 -18.77 3.58
CA ALA B 7 20.65 -19.19 4.69
C ALA B 7 20.03 -18.01 5.41
N GLU B 8 20.78 -16.92 5.55
CA GLU B 8 20.29 -15.72 6.21
C GLU B 8 19.33 -14.93 5.34
N ASP B 9 19.57 -14.87 4.03
CA ASP B 9 18.64 -14.27 3.09
C ASP B 9 17.26 -14.91 3.12
N LYS B 10 17.20 -16.24 3.18
CA LYS B 10 15.91 -16.91 3.26
C LYS B 10 15.19 -16.54 4.54
N ALA B 11 15.90 -16.50 5.66
CA ALA B 11 15.26 -16.09 6.90
C ALA B 11 14.80 -14.63 6.84
N ALA B 12 15.58 -13.76 6.19
CA ALA B 12 15.16 -12.37 6.03
C ALA B 12 13.91 -12.25 5.17
N VAL B 13 13.79 -13.09 4.14
CA VAL B 13 12.58 -13.09 3.32
C VAL B 13 11.38 -13.59 4.12
N GLU B 14 11.58 -14.64 4.91
CA GLU B 14 10.49 -15.13 5.75
C GLU B 14 10.01 -14.05 6.72
N ARG B 15 10.94 -13.28 7.30
CA ARG B 15 10.56 -12.15 8.14
C ARG B 15 9.73 -11.14 7.35
N SER B 16 10.19 -10.78 6.16
CA SER B 16 9.43 -9.85 5.33
C SER B 16 8.04 -10.37 5.01
N LYS B 17 7.91 -11.67 4.71
CA LYS B 17 6.57 -12.23 4.46
C LYS B 17 5.68 -12.17 5.71
N MET B 18 6.26 -12.41 6.89
CA MET B 18 5.44 -12.28 8.09
C MET B 18 5.02 -10.83 8.35
N ILE B 19 5.88 -9.88 8.00
CA ILE B 19 5.51 -8.47 8.10
C ILE B 19 4.35 -8.16 7.14
N ASP B 20 4.42 -8.67 5.91
CA ASP B 20 3.30 -8.57 4.98
C ASP B 20 2.03 -9.18 5.52
N ARG B 21 2.13 -10.34 6.17
CA ARG B 21 0.95 -10.92 6.79
C ARG B 21 0.36 -10.00 7.84
N ASN B 22 1.20 -9.45 8.71
CA ASN B 22 0.69 -8.56 9.75
C ASN B 22 0.12 -7.27 9.16
N LEU B 23 0.75 -6.75 8.11
CA LEU B 23 0.24 -5.54 7.48
C LEU B 23 -1.11 -5.78 6.84
N ARG B 24 -1.29 -6.92 6.17
CA ARG B 24 -2.61 -7.25 5.62
C ARG B 24 -3.66 -7.42 6.70
N GLU B 25 -3.33 -8.06 7.82
CA GLU B 25 -4.34 -8.18 8.87
C GLU B 25 -4.74 -6.82 9.42
N ASP B 26 -3.77 -5.92 9.62
CA ASP B 26 -4.14 -4.59 10.08
C ASP B 26 -4.91 -3.82 9.01
N GLY B 27 -4.58 -4.03 7.73
CA GLY B 27 -5.34 -3.40 6.68
C GLY B 27 -6.80 -3.86 6.68
N GLU B 28 -7.01 -5.16 6.79
CA GLU B 28 -8.38 -5.69 6.82
C GLU B 28 -9.15 -5.15 8.00
N LYS B 29 -8.52 -5.05 9.17
CA LYS B 29 -9.20 -4.47 10.31
C LYS B 29 -9.52 -3.00 10.08
N ALA B 30 -8.54 -2.23 9.61
CA ALA B 30 -8.78 -0.81 9.35
C ALA B 30 -9.83 -0.60 8.26
N ALA B 31 -9.88 -1.47 7.26
CA ALA B 31 -10.86 -1.29 6.21
C ALA B 31 -12.29 -1.44 6.70
N ARG B 32 -12.51 -2.05 7.86
CA ARG B 32 -13.84 -2.24 8.40
C ARG B 32 -14.22 -1.18 9.42
N GLU B 33 -13.34 -0.22 9.67
CA GLU B 33 -13.62 0.86 10.61
C GLU B 33 -14.10 2.09 9.88
N VAL B 34 -15.00 2.82 10.53
CA VAL B 34 -15.59 4.03 9.98
C VAL B 34 -14.73 5.20 10.43
N LYS B 35 -14.23 5.96 9.48
CA LYS B 35 -13.44 7.16 9.75
C LYS B 35 -14.33 8.38 9.61
N LEU B 36 -14.48 9.13 10.68
CA LEU B 36 -15.32 10.31 10.70
C LEU B 36 -14.48 11.53 11.00
N LEU B 37 -14.56 12.52 10.13
CA LEU B 37 -13.88 13.80 10.32
C LEU B 37 -14.84 14.79 10.96
N LEU B 38 -14.48 15.32 12.11
CA LEU B 38 -15.34 16.20 12.89
C LEU B 38 -14.89 17.63 12.67
N LEU B 39 -15.76 18.45 12.10
CA LEU B 39 -15.49 19.85 11.85
C LEU B 39 -16.55 20.72 12.50
N GLY B 40 -16.21 21.98 12.71
CA GLY B 40 -17.18 22.95 13.16
C GLY B 40 -16.47 24.25 13.50
N ALA B 41 -17.27 25.28 13.73
CA ALA B 41 -16.73 26.57 14.12
C ALA B 41 -16.36 26.58 15.59
N GLY B 42 -15.53 27.55 15.97
CA GLY B 42 -15.13 27.68 17.35
C GLY B 42 -16.34 27.87 18.25
N GLU B 43 -16.28 27.23 19.43
CA GLU B 43 -17.35 27.27 20.43
C GLU B 43 -18.64 26.60 19.94
N SER B 44 -18.60 25.88 18.82
CA SER B 44 -19.73 25.05 18.43
C SER B 44 -19.78 23.79 19.29
N GLY B 45 -20.93 23.12 19.26
CA GLY B 45 -21.15 21.99 20.15
C GLY B 45 -20.43 20.70 19.81
N LYS B 46 -19.15 20.79 19.43
CA LYS B 46 -18.39 19.58 19.16
C LYS B 46 -18.24 18.72 20.40
N ASN B 47 -18.07 19.33 21.57
CA ASN B 47 -17.87 18.58 22.79
C ASN B 47 -19.14 17.83 23.20
N THR B 48 -20.29 18.39 22.86
CA THR B 48 -21.60 17.74 23.16
C THR B 48 -21.68 16.44 22.33
N ILE B 49 -21.24 16.50 21.08
CA ILE B 49 -21.29 15.32 20.16
C ILE B 49 -20.29 14.28 20.68
N VAL B 50 -19.06 14.70 20.96
CA VAL B 50 -17.98 13.77 21.40
C VAL B 50 -18.40 13.14 22.73
N LYS B 51 -18.99 13.94 23.63
CA LYS B 51 -19.46 13.43 24.93
C LYS B 51 -20.41 12.24 24.69
N GLN B 52 -21.27 12.32 23.68
CA GLN B 52 -22.19 11.21 23.42
C GLN B 52 -21.50 10.09 22.65
N MET B 53 -20.55 10.43 21.77
CA MET B 53 -19.87 9.40 21.00
C MET B 53 -18.97 8.54 21.88
N LYS B 54 -18.30 9.12 22.87
CA LYS B 54 -17.34 8.39 23.68
C LYS B 54 -18.07 7.54 24.71
N THR B 182 -0.58 19.38 21.08
CA THR B 182 -1.94 18.84 20.93
C THR B 182 -2.47 19.10 19.52
N GLY B 183 -2.53 18.05 18.72
CA GLY B 183 -3.04 18.13 17.37
C GLY B 183 -4.39 17.48 17.20
N ILE B 184 -4.41 16.42 16.41
CA ILE B 184 -5.62 15.64 16.20
C ILE B 184 -6.01 14.94 17.50
N VAL B 185 -7.27 15.06 17.90
CA VAL B 185 -7.79 14.34 19.05
C VAL B 185 -8.77 13.28 18.57
N GLU B 186 -8.46 12.03 18.84
CA GLU B 186 -9.23 10.90 18.35
C GLU B 186 -10.17 10.38 19.42
N THR B 187 -11.40 10.09 19.03
CA THR B 187 -12.37 9.41 19.89
C THR B 187 -12.78 8.10 19.23
N HIS B 188 -12.56 7.00 19.94
CA HIS B 188 -12.87 5.67 19.43
C HIS B 188 -14.10 5.14 20.15
N PHE B 189 -15.05 4.60 19.39
CA PHE B 189 -16.24 4.02 19.98
C PHE B 189 -16.86 3.03 19.03
N THR B 190 -17.75 2.20 19.57
CA THR B 190 -18.48 1.20 18.82
C THR B 190 -19.97 1.43 19.00
N PHE B 191 -20.77 1.03 18.01
CA PHE B 191 -22.22 1.06 18.15
C PHE B 191 -22.82 0.01 17.22
N LYS B 192 -23.57 -0.93 17.79
CA LYS B 192 -24.15 -2.05 17.04
C LYS B 192 -23.11 -2.81 16.24
N ASP B 193 -21.98 -3.08 16.88
CA ASP B 193 -20.85 -3.86 16.34
C ASP B 193 -20.14 -3.17 15.18
N LEU B 194 -20.43 -1.90 14.93
CA LEU B 194 -19.70 -1.11 13.94
C LEU B 194 -18.77 -0.15 14.65
N HIS B 195 -17.48 -0.24 14.35
CA HIS B 195 -16.45 0.55 15.01
C HIS B 195 -16.29 1.90 14.32
N PHE B 196 -16.10 2.96 15.10
CA PHE B 196 -15.90 4.30 14.58
C PHE B 196 -14.63 4.91 15.14
N LYS B 197 -13.99 5.75 14.33
CA LYS B 197 -12.92 6.63 14.78
C LYS B 197 -13.28 8.04 14.37
N MET B 198 -13.45 8.92 15.34
CA MET B 198 -13.79 10.31 15.09
C MET B 198 -12.53 11.15 15.28
N PHE B 199 -12.20 11.94 14.27
CA PHE B 199 -10.96 12.72 14.25
C PHE B 199 -11.31 14.19 14.40
N ASP B 200 -11.04 14.75 15.57
CA ASP B 200 -11.33 16.14 15.84
C ASP B 200 -10.09 16.94 15.46
N VAL B 201 -10.23 17.80 14.46
CA VAL B 201 -9.10 18.60 14.00
C VAL B 201 -9.03 19.95 14.67
N GLY B 202 -9.81 20.18 15.73
CA GLY B 202 -9.76 21.45 16.41
C GLY B 202 -8.38 21.68 17.01
N ALA B 203 -8.02 22.95 17.14
CA ALA B 203 -6.73 23.41 17.65
C ALA B 203 -5.58 23.21 16.68
N GLN B 204 -5.90 22.64 15.52
CA GLN B 204 -4.89 22.56 14.45
C GLN B 204 -5.00 23.88 13.71
N ARG B 205 -4.47 24.97 14.29
CA ARG B 205 -4.68 26.34 13.74
C ARG B 205 -3.62 26.63 12.67
N SER B 206 -3.78 25.95 11.54
CA SER B 206 -2.82 26.00 10.40
C SER B 206 -3.61 25.86 9.10
N GLU B 207 -2.98 26.17 7.97
CA GLU B 207 -3.64 26.33 6.69
C GLU B 207 -4.26 25.00 6.27
N ARG B 208 -5.58 24.98 6.13
CA ARG B 208 -6.27 23.74 5.79
C ARG B 208 -5.80 23.15 4.47
N LYS B 209 -5.46 24.00 3.49
CA LYS B 209 -5.07 23.51 2.18
C LYS B 209 -3.87 22.59 2.24
N LYS B 210 -3.15 22.56 3.34
CA LYS B 210 -1.92 21.80 3.45
C LYS B 210 -2.04 20.64 4.41
N TRP B 211 -3.24 20.28 4.83
CA TRP B 211 -3.41 19.03 5.55
C TRP B 211 -4.82 18.46 5.41
N ILE B 212 -5.78 19.27 4.99
CA ILE B 212 -7.15 18.75 4.92
C ILE B 212 -7.26 17.63 3.91
N HIS B 213 -6.38 17.59 2.93
CA HIS B 213 -6.34 16.50 1.97
C HIS B 213 -6.01 15.17 2.62
N CYS B 214 -5.37 15.18 3.79
CA CYS B 214 -5.06 13.95 4.53
C CYS B 214 -6.30 13.15 4.85
N PHE B 215 -7.46 13.79 4.94
CA PHE B 215 -8.68 13.12 5.30
C PHE B 215 -9.51 12.72 4.10
N GLU B 216 -8.95 12.83 2.90
CA GLU B 216 -9.59 12.30 1.72
C GLU B 216 -9.82 10.82 1.88
N GLY B 217 -11.05 10.39 1.70
CA GLY B 217 -11.41 9.01 1.84
C GLY B 217 -12.10 8.66 3.14
N VAL B 218 -12.24 9.60 4.07
CA VAL B 218 -13.01 9.33 5.28
C VAL B 218 -14.43 8.98 4.89
N THR B 219 -15.07 8.13 5.69
CA THR B 219 -16.40 7.66 5.34
C THR B 219 -17.39 8.81 5.30
N ALA B 220 -17.33 9.71 6.26
CA ALA B 220 -18.25 10.84 6.32
C ALA B 220 -17.56 11.96 7.08
N ILE B 221 -18.03 13.18 6.84
CA ILE B 221 -17.66 14.34 7.63
C ILE B 221 -18.82 14.68 8.54
N ILE B 222 -18.54 14.87 9.82
CA ILE B 222 -19.52 15.35 10.79
C ILE B 222 -19.23 16.81 11.06
N PHE B 223 -20.22 17.67 10.85
CA PHE B 223 -20.06 19.11 10.93
C PHE B 223 -21.03 19.65 11.96
N CYS B 224 -20.51 20.44 12.89
CA CYS B 224 -21.31 21.00 13.97
C CYS B 224 -21.58 22.48 13.71
N VAL B 225 -22.84 22.86 13.78
CA VAL B 225 -23.29 24.24 13.73
C VAL B 225 -24.18 24.48 14.94
N ALA B 226 -24.01 25.62 15.59
CA ALA B 226 -24.84 25.98 16.74
C ALA B 226 -25.99 26.85 16.28
N LEU B 227 -27.22 26.41 16.58
CA LEU B 227 -28.39 27.21 16.23
C LEU B 227 -28.43 28.53 16.99
N SER B 228 -27.96 28.54 18.24
CA SER B 228 -28.02 29.73 19.07
C SER B 228 -27.14 30.87 18.54
N ASP B 229 -26.29 30.62 17.55
CA ASP B 229 -25.45 31.68 17.01
C ASP B 229 -26.14 32.50 15.93
N TYR B 230 -27.41 32.22 15.64
CA TYR B 230 -28.08 32.94 14.57
C TYR B 230 -28.10 34.44 14.82
N ASP B 231 -28.14 34.86 16.09
CA ASP B 231 -28.18 36.26 16.44
C ASP B 231 -26.80 36.86 16.66
N LEU B 232 -25.74 36.11 16.39
CA LEU B 232 -24.38 36.58 16.64
C LEU B 232 -23.56 36.57 15.34
N MET B 240 -17.90 39.89 11.22
CA MET B 240 -18.65 38.83 10.56
C MET B 240 -19.60 38.14 11.54
N ASN B 241 -20.80 37.83 11.05
CA ASN B 241 -21.81 37.08 11.84
C ASN B 241 -21.33 35.63 12.06
N ARG B 242 -21.38 35.14 13.30
CA ARG B 242 -20.95 33.78 13.60
C ARG B 242 -21.69 32.77 12.74
N MET B 243 -22.97 33.02 12.46
CA MET B 243 -23.73 32.11 11.61
C MET B 243 -23.24 32.14 10.17
N HIS B 244 -22.79 33.29 9.69
CA HIS B 244 -22.24 33.35 8.34
C HIS B 244 -20.87 32.70 8.27
N ALA B 245 -20.07 32.81 9.34
CA ALA B 245 -18.80 32.12 9.39
C ALA B 245 -19.00 30.61 9.34
N SER B 246 -20.07 30.13 9.97
CA SER B 246 -20.37 28.70 9.94
C SER B 246 -20.75 28.26 8.53
N MET B 247 -21.53 29.08 7.83
CA MET B 247 -21.90 28.77 6.46
C MET B 247 -20.70 28.81 5.55
N LYS B 248 -19.81 29.78 5.75
CA LYS B 248 -18.62 29.87 4.93
C LYS B 248 -17.68 28.71 5.19
N LEU B 249 -17.52 28.31 6.45
CA LEU B 249 -16.72 27.11 6.71
C LEU B 249 -17.39 25.88 6.12
N PHE B 250 -18.71 25.77 6.23
CA PHE B 250 -19.43 24.63 5.66
C PHE B 250 -19.24 24.57 4.15
N ASP B 251 -19.43 25.69 3.46
CA ASP B 251 -19.25 25.72 2.01
C ASP B 251 -17.81 25.41 1.63
N SER B 252 -16.84 25.92 2.41
CA SER B 252 -15.44 25.70 2.10
C SER B 252 -15.07 24.23 2.03
N ILE B 253 -15.54 23.46 3.02
CA ILE B 253 -15.32 21.98 3.08
C ILE B 253 -16.35 21.22 2.22
N CYS B 254 -17.60 21.66 2.19
CA CYS B 254 -18.67 20.92 1.53
C CYS B 254 -18.40 20.77 0.05
N ASN B 255 -17.87 21.81 -0.58
CA ASN B 255 -17.58 21.79 -2.00
C ASN B 255 -16.09 21.71 -2.29
N ASN B 256 -15.31 21.25 -1.31
CA ASN B 256 -13.87 21.13 -1.50
C ASN B 256 -13.58 20.00 -2.47
N LYS B 257 -12.56 20.18 -3.29
CA LYS B 257 -12.22 19.19 -4.34
C LYS B 257 -11.77 17.86 -3.71
N TRP B 258 -11.37 17.86 -2.44
CA TRP B 258 -10.88 16.64 -1.83
C TRP B 258 -12.02 15.74 -1.38
N PHE B 259 -13.21 16.30 -1.19
CA PHE B 259 -14.31 15.64 -0.54
C PHE B 259 -15.56 15.61 -1.42
N THR B 260 -15.38 15.51 -2.74
CA THR B 260 -16.51 15.60 -3.65
C THR B 260 -17.44 14.41 -3.49
N ASP B 261 -16.92 13.26 -3.07
CA ASP B 261 -17.73 12.07 -2.89
C ASP B 261 -17.97 11.72 -1.43
N THR B 262 -17.67 12.63 -0.51
CA THR B 262 -17.81 12.37 0.92
C THR B 262 -19.02 13.09 1.47
N SER B 263 -19.93 12.34 2.08
CA SER B 263 -21.16 12.93 2.60
C SER B 263 -20.88 13.65 3.90
N ILE B 264 -21.85 14.46 4.32
CA ILE B 264 -21.76 15.27 5.53
C ILE B 264 -22.91 14.91 6.45
N ILE B 265 -22.60 14.71 7.72
CA ILE B 265 -23.61 14.58 8.77
C ILE B 265 -23.60 15.88 9.55
N LEU B 266 -24.65 16.69 9.38
CA LEU B 266 -24.68 18.05 9.87
C LEU B 266 -25.57 18.14 11.10
N PHE B 267 -24.95 18.41 12.25
CA PHE B 267 -25.64 18.52 13.53
C PHE B 267 -25.94 19.98 13.82
N LEU B 268 -27.21 20.28 14.10
CA LEU B 268 -27.63 21.62 14.49
C LEU B 268 -27.81 21.62 16.01
N ASN B 269 -26.82 22.15 16.71
CA ASN B 269 -26.73 21.97 18.14
C ASN B 269 -27.46 23.08 18.89
N LYS B 270 -27.76 22.80 20.17
CA LYS B 270 -28.42 23.75 21.05
C LYS B 270 -29.82 24.11 20.54
N LYS B 271 -30.57 23.11 20.10
CA LYS B 271 -31.92 23.37 19.61
C LYS B 271 -32.84 23.88 20.71
N ASP B 272 -32.55 23.55 21.97
CA ASP B 272 -33.40 23.99 23.08
C ASP B 272 -33.19 25.45 23.39
N LEU B 273 -31.93 25.86 23.41
CA LEU B 273 -31.59 27.29 23.61
C LEU B 273 -32.15 28.05 22.41
N PHE B 274 -32.00 27.50 21.21
CA PHE B 274 -32.53 28.17 20.03
C PHE B 274 -34.04 28.37 20.14
N GLU B 275 -34.77 27.32 20.54
CA GLU B 275 -36.20 27.48 20.70
C GLU B 275 -36.53 28.64 21.62
N GLU B 276 -35.80 28.82 22.71
CA GLU B 276 -36.08 29.98 23.57
C GLU B 276 -35.64 31.29 22.93
N LYS B 277 -34.47 31.32 22.30
CA LYS B 277 -33.96 32.59 21.79
C LYS B 277 -34.80 33.10 20.62
N ILE B 278 -35.23 32.20 19.74
CA ILE B 278 -35.93 32.60 18.53
C ILE B 278 -37.24 33.30 18.87
N LYS B 279 -37.79 33.04 20.06
CA LYS B 279 -39.06 33.65 20.44
C LYS B 279 -38.88 35.11 20.82
N LYS B 280 -37.63 35.53 21.00
CA LYS B 280 -37.31 36.93 21.41
C LYS B 280 -36.55 37.68 20.31
N SER B 281 -35.65 37.03 19.55
CA SER B 281 -34.90 37.70 18.51
C SER B 281 -35.18 37.04 17.18
N PRO B 282 -35.59 37.80 16.17
CA PRO B 282 -36.03 37.18 14.90
C PRO B 282 -34.84 36.63 14.14
N LEU B 283 -35.10 35.62 13.32
CA LEU B 283 -34.02 35.05 12.52
C LEU B 283 -33.47 36.04 11.51
N THR B 284 -34.21 37.11 11.19
CA THR B 284 -33.75 38.06 10.18
C THR B 284 -32.50 38.81 10.58
N ILE B 285 -31.96 38.57 11.77
CA ILE B 285 -30.66 39.13 12.14
C ILE B 285 -29.55 38.61 11.24
N CYS B 286 -29.57 37.32 10.91
CA CYS B 286 -28.56 36.75 10.03
C CYS B 286 -29.10 36.34 8.66
N TYR B 287 -30.41 36.28 8.48
CA TYR B 287 -31.03 36.02 7.17
C TYR B 287 -32.06 37.11 6.92
N PRO B 288 -31.62 38.31 6.53
CA PRO B 288 -32.59 39.40 6.31
C PRO B 288 -33.69 39.06 5.33
N GLU B 289 -33.44 38.13 4.40
CA GLU B 289 -34.45 37.73 3.43
C GLU B 289 -35.45 36.73 3.99
N TYR B 290 -35.25 36.26 5.21
CA TYR B 290 -36.11 35.22 5.77
C TYR B 290 -37.55 35.70 5.86
N ALA B 291 -38.48 34.88 5.39
CA ALA B 291 -39.90 35.15 5.51
C ALA B 291 -40.55 34.01 6.28
N GLY B 292 -40.97 34.30 7.51
CA GLY B 292 -41.55 33.26 8.34
C GLY B 292 -41.67 33.71 9.79
N SER B 293 -42.32 32.85 10.57
CA SER B 293 -42.55 33.12 11.98
C SER B 293 -41.26 33.03 12.79
N ASN B 294 -41.19 33.79 13.87
CA ASN B 294 -40.06 33.72 14.81
C ASN B 294 -40.32 32.61 15.83
N THR B 295 -40.39 31.39 15.32
CA THR B 295 -40.69 30.23 16.14
C THR B 295 -39.71 29.12 15.76
N TYR B 296 -39.66 28.09 16.60
CA TYR B 296 -38.66 27.05 16.41
C TYR B 296 -38.81 26.35 15.07
N GLU B 297 -39.99 25.82 14.76
CA GLU B 297 -40.12 24.90 13.63
C GLU B 297 -39.79 25.59 12.31
N GLU B 298 -40.25 26.82 12.13
CA GLU B 298 -40.03 27.55 10.88
C GLU B 298 -38.60 28.06 10.76
N ALA B 299 -38.05 28.61 11.83
CA ALA B 299 -36.69 29.15 11.77
C ALA B 299 -35.65 28.05 11.72
N ALA B 300 -35.84 26.97 12.48
CA ALA B 300 -34.88 25.87 12.44
C ALA B 300 -34.87 25.20 11.07
N ALA B 301 -36.04 25.01 10.47
CA ALA B 301 -36.09 24.42 9.14
C ALA B 301 -35.40 25.31 8.12
N TYR B 302 -35.57 26.63 8.26
CA TYR B 302 -34.92 27.56 7.34
C TYR B 302 -33.41 27.47 7.45
N ILE B 303 -32.89 27.45 8.67
CA ILE B 303 -31.45 27.34 8.85
C ILE B 303 -30.94 26.03 8.26
N GLN B 304 -31.63 24.92 8.53
CA GLN B 304 -31.24 23.67 7.90
C GLN B 304 -31.21 23.80 6.40
N CYS B 305 -32.24 24.40 5.80
CA CYS B 305 -32.27 24.51 4.35
C CYS B 305 -31.12 25.35 3.82
N GLN B 306 -30.82 26.46 4.50
CA GLN B 306 -29.76 27.35 4.04
C GLN B 306 -28.41 26.66 3.99
N PHE B 307 -28.16 25.72 4.89
CA PHE B 307 -26.92 24.94 4.83
C PHE B 307 -26.99 23.88 3.74
N GLU B 308 -28.14 23.23 3.58
CA GLU B 308 -28.29 22.28 2.49
C GLU B 308 -28.16 22.94 1.13
N ASP B 309 -28.57 24.21 1.01
CA ASP B 309 -28.39 24.93 -0.24
C ASP B 309 -26.94 25.20 -0.59
N LEU B 310 -26.02 24.96 0.33
CA LEU B 310 -24.61 25.12 0.05
C LEU B 310 -24.01 23.92 -0.66
N ASN B 311 -24.77 22.85 -0.85
CA ASN B 311 -24.28 21.67 -1.54
C ASN B 311 -24.35 21.89 -3.03
N LYS B 312 -23.20 22.10 -3.65
CA LYS B 312 -23.11 22.33 -5.09
C LYS B 312 -22.96 21.03 -5.87
N ARG B 313 -22.93 19.89 -5.19
CA ARG B 313 -22.82 18.57 -5.82
C ARG B 313 -23.88 17.64 -5.26
N LYS B 314 -25.14 18.07 -5.33
CA LYS B 314 -26.23 17.31 -4.72
C LYS B 314 -26.37 15.92 -5.31
N ASP B 315 -25.97 15.72 -6.55
CA ASP B 315 -26.04 14.42 -7.19
C ASP B 315 -24.89 13.50 -6.80
N THR B 316 -23.97 13.94 -5.95
CA THR B 316 -22.81 13.13 -5.59
C THR B 316 -22.74 12.81 -4.10
N LYS B 317 -23.15 13.74 -3.24
CA LYS B 317 -23.08 13.54 -1.80
C LYS B 317 -24.39 13.98 -1.18
N GLU B 318 -24.79 13.27 -0.14
CA GLU B 318 -25.95 13.64 0.66
C GLU B 318 -25.49 14.37 1.91
N ILE B 319 -26.38 15.19 2.46
CA ILE B 319 -26.19 15.82 3.76
C ILE B 319 -27.27 15.28 4.69
N TYR B 320 -26.85 14.70 5.80
CA TYR B 320 -27.78 14.14 6.78
C TYR B 320 -27.87 15.09 7.95
N THR B 321 -29.02 15.72 8.12
CA THR B 321 -29.20 16.79 9.09
C THR B 321 -29.94 16.28 10.31
N HIS B 322 -29.45 16.67 11.48
CA HIS B 322 -30.05 16.27 12.77
C HIS B 322 -30.06 17.45 13.75
N PHE B 323 -31.14 17.62 14.50
CA PHE B 323 -31.25 18.67 15.51
C PHE B 323 -30.97 18.03 16.87
N THR B 324 -30.05 18.61 17.63
CA THR B 324 -29.62 17.98 18.86
C THR B 324 -29.66 18.98 20.01
N CYS B 325 -29.45 18.47 21.23
CA CYS B 325 -29.28 19.27 22.43
C CYS B 325 -28.37 18.51 23.39
N SER B 326 -28.01 19.18 24.48
CA SER B 326 -27.03 18.61 25.41
C SER B 326 -27.56 17.35 26.07
N THR B 327 -28.86 17.13 26.05
CA THR B 327 -29.49 15.96 26.64
C THR B 327 -29.96 14.94 25.61
N ASP B 328 -29.63 15.13 24.34
CA ASP B 328 -30.08 14.22 23.28
C ASP B 328 -29.10 13.05 23.16
N THR B 329 -29.59 11.86 23.50
CA THR B 329 -28.74 10.68 23.56
C THR B 329 -28.84 9.82 22.31
N LYS B 330 -29.52 10.32 21.29
CA LYS B 330 -29.70 9.56 20.02
C LYS B 330 -28.62 9.97 19.02
N ASN B 331 -27.69 10.84 19.40
CA ASN B 331 -26.68 11.32 18.45
C ASN B 331 -25.89 10.19 17.85
N VAL B 332 -25.60 9.15 18.62
CA VAL B 332 -24.85 8.02 18.09
C VAL B 332 -25.72 7.24 17.11
N GLN B 333 -26.99 7.06 17.43
CA GLN B 333 -27.90 6.43 16.48
C GLN B 333 -27.99 7.22 15.17
N PHE B 334 -27.98 8.55 15.26
CA PHE B 334 -28.03 9.40 14.04
C PHE B 334 -26.79 9.10 13.16
N VAL B 335 -25.61 9.03 13.77
CA VAL B 335 -24.38 8.75 13.02
C VAL B 335 -24.43 7.35 12.43
N PHE B 336 -24.82 6.37 13.25
CA PHE B 336 -24.86 4.97 12.80
C PHE B 336 -25.73 4.80 11.56
N ASP B 337 -26.94 5.36 11.60
CA ASP B 337 -27.85 5.21 10.47
C ASP B 337 -27.36 5.99 9.26
N ALA B 338 -26.85 7.19 9.47
CA ALA B 338 -26.30 7.97 8.36
C ALA B 338 -25.08 7.30 7.75
N VAL B 339 -24.20 6.74 8.58
CA VAL B 339 -23.02 6.07 8.06
C VAL B 339 -23.41 4.80 7.35
N THR B 340 -24.34 4.03 7.91
CA THR B 340 -24.83 2.85 7.22
C THR B 340 -25.37 3.19 5.85
N ASP B 341 -26.13 4.27 5.75
CA ASP B 341 -26.63 4.71 4.45
C ASP B 341 -25.49 5.04 3.50
N VAL B 342 -24.44 5.67 4.00
CA VAL B 342 -23.28 6.02 3.20
C VAL B 342 -22.58 4.77 2.70
N ILE B 343 -22.39 3.79 3.58
CA ILE B 343 -21.67 2.57 3.21
C ILE B 343 -22.40 1.84 2.11
N ILE B 344 -23.72 1.76 2.25
CA ILE B 344 -24.57 1.08 1.22
C ILE B 344 -24.45 1.85 -0.10
N LYS B 345 -24.50 3.17 -0.09
CA LYS B 345 -24.36 3.94 -1.33
C LYS B 345 -22.97 3.81 -1.94
N ASN B 346 -21.93 3.78 -1.11
CA ASN B 346 -20.58 3.63 -1.62
C ASN B 346 -20.40 2.28 -2.28
N ASN B 347 -20.95 1.22 -1.68
CA ASN B 347 -20.83 -0.10 -2.26
C ASN B 347 -21.66 -0.24 -3.52
N LEU B 348 -22.78 0.47 -3.62
CA LEU B 348 -23.52 0.46 -4.87
C LEU B 348 -22.70 1.05 -5.98
N LYS B 349 -21.98 2.13 -5.71
CA LYS B 349 -21.10 2.71 -6.72
C LYS B 349 -19.98 1.78 -7.09
N ASP B 350 -19.33 1.20 -6.08
CA ASP B 350 -18.19 0.33 -6.28
C ASP B 350 -18.59 -0.98 -6.96
N CYS B 351 -19.79 -1.48 -6.72
CA CYS B 351 -20.21 -2.72 -7.34
C CYS B 351 -20.59 -2.53 -8.79
N GLY B 352 -20.54 -1.30 -9.29
CA GLY B 352 -20.83 -1.01 -10.66
C GLY B 352 -22.23 -0.58 -10.94
N LEU B 353 -23.15 -0.73 -9.99
CA LEU B 353 -24.52 -0.30 -10.19
C LEU B 353 -24.63 1.21 -10.25
N PHE B 354 -23.79 1.91 -9.53
CA PHE B 354 -23.69 3.35 -9.56
C PHE B 354 -25.04 4.01 -9.84
N SER C 1 3.88 57.12 14.45
CA SER C 1 5.17 57.72 14.80
C SER C 1 6.30 56.71 14.64
N GLU C 2 6.63 56.03 15.74
CA GLU C 2 7.68 55.01 15.69
C GLU C 2 7.34 53.90 14.71
N LEU C 3 6.06 53.51 14.66
CA LEU C 3 5.64 52.44 13.77
C LEU C 3 5.81 52.81 12.30
N ASP C 4 5.49 54.05 11.95
CA ASP C 4 5.67 54.48 10.57
C ASP C 4 7.16 54.61 10.24
N GLN C 5 7.97 55.09 11.19
CA GLN C 5 9.40 55.19 10.90
C GLN C 5 10.00 53.80 10.69
N LEU C 6 9.64 52.84 11.54
CA LEU C 6 10.22 51.50 11.41
C LEU C 6 9.76 50.82 10.13
N ARG C 7 8.48 50.96 9.76
CA ARG C 7 8.03 50.29 8.55
C ARG C 7 8.61 50.94 7.30
N GLN C 8 8.83 52.26 7.35
CA GLN C 8 9.46 52.94 6.21
C GLN C 8 10.90 52.48 6.04
N GLU C 9 11.61 52.31 7.16
CA GLU C 9 12.97 51.81 7.11
C GLU C 9 13.03 50.39 6.55
N ALA C 10 12.07 49.54 6.93
CA ALA C 10 12.05 48.19 6.38
C ALA C 10 11.92 48.20 4.87
N GLU C 11 11.06 49.06 4.34
CA GLU C 11 10.89 49.15 2.90
C GLU C 11 12.14 49.69 2.21
N GLN C 12 12.83 50.64 2.83
CA GLN C 12 14.06 51.13 2.20
C GLN C 12 15.13 50.04 2.16
N LEU C 13 15.17 49.22 3.21
CA LEU C 13 16.14 48.11 3.31
C LEU C 13 15.78 47.06 2.25
N LYS C 14 14.49 46.82 2.02
CA LYS C 14 14.04 45.89 0.95
C LYS C 14 14.53 46.43 -0.39
N ASN C 15 14.46 47.75 -0.60
CA ASN C 15 14.96 48.35 -1.84
C ASN C 15 16.46 48.14 -2.00
N GLN C 16 17.21 48.30 -0.91
CA GLN C 16 18.66 48.11 -0.95
C GLN C 16 19.01 46.67 -1.29
N ILE C 17 18.25 45.71 -0.75
CA ILE C 17 18.52 44.28 -1.06
C ILE C 17 18.25 44.05 -2.55
N ARG C 18 17.12 44.55 -3.05
CA ARG C 18 16.74 44.36 -4.48
C ARG C 18 17.81 44.99 -5.38
N ASP C 19 18.29 46.19 -5.03
CA ASP C 19 19.31 46.88 -5.87
C ASP C 19 20.62 46.10 -5.79
N ALA C 20 20.99 45.59 -4.62
CA ALA C 20 22.22 44.80 -4.47
C ALA C 20 22.11 43.53 -5.33
N ARG C 21 20.93 42.93 -5.38
CA ARG C 21 20.71 41.69 -6.16
C ARG C 21 20.74 42.02 -7.66
N LYS C 22 20.14 43.14 -8.06
CA LYS C 22 20.17 43.56 -9.49
C LYS C 22 21.63 43.80 -9.89
N ALA C 23 22.40 44.42 -9.01
CA ALA C 23 23.81 44.67 -9.27
C ALA C 23 24.60 43.38 -9.45
N CYS C 24 24.25 42.33 -8.74
CA CYS C 24 24.93 41.06 -8.87
C CYS C 24 24.52 40.28 -10.11
N ALA C 25 23.33 40.53 -10.66
CA ALA C 25 22.83 39.76 -11.79
C ALA C 25 23.40 40.33 -13.08
N ASP C 26 24.70 40.10 -13.26
CA ASP C 26 25.40 40.51 -14.46
C ASP C 26 25.13 39.56 -15.63
N ALA C 27 24.73 38.33 -15.34
CA ALA C 27 24.40 37.34 -16.36
C ALA C 27 23.47 36.33 -15.74
N THR C 28 22.74 35.62 -16.58
CA THR C 28 21.88 34.54 -16.13
C THR C 28 22.65 33.22 -16.18
N LEU C 29 22.12 32.21 -15.47
CA LEU C 29 22.68 30.87 -15.55
C LEU C 29 22.60 30.33 -16.96
N SER C 30 21.50 30.61 -17.66
CA SER C 30 21.30 30.11 -19.02
C SER C 30 22.30 30.70 -20.00
N GLN C 31 22.81 31.90 -19.74
CA GLN C 31 23.85 32.50 -20.57
C GLN C 31 25.22 31.88 -20.32
N ILE C 32 25.53 31.51 -19.07
CA ILE C 32 26.84 30.94 -18.77
C ILE C 32 26.94 29.51 -19.28
N THR C 33 25.86 28.76 -19.14
CA THR C 33 25.80 27.30 -19.43
C THR C 33 25.24 27.09 -20.85
N ASN C 34 25.05 28.16 -21.60
CA ASN C 34 24.36 28.09 -22.92
C ASN C 34 24.99 26.97 -23.78
N ASN C 35 26.32 26.91 -23.81
CA ASN C 35 27.09 26.03 -24.72
C ASN C 35 27.87 24.97 -23.93
N ILE C 36 27.35 24.53 -22.78
CA ILE C 36 27.99 23.46 -21.96
C ILE C 36 27.55 22.08 -22.47
N ASP C 37 26.77 22.04 -23.53
CA ASP C 37 26.27 20.79 -24.14
C ASP C 37 24.93 20.40 -23.49
N PRO C 38 24.25 19.41 -24.04
CA PRO C 38 22.97 18.91 -23.55
C PRO C 38 23.15 17.51 -22.96
N VAL C 39 22.62 17.26 -21.78
CA VAL C 39 22.77 15.92 -21.15
C VAL C 39 22.10 14.91 -22.09
N GLY C 40 21.06 15.34 -22.80
CA GLY C 40 20.33 14.48 -23.74
C GLY C 40 19.04 13.98 -23.12
N ARG C 41 18.66 12.74 -23.38
CA ARG C 41 17.40 12.22 -22.80
C ARG C 41 17.71 11.20 -21.69
N ILE C 42 17.25 11.47 -20.48
CA ILE C 42 17.52 10.59 -19.35
C ILE C 42 16.33 9.67 -19.20
N GLN C 43 16.49 8.42 -19.59
CA GLN C 43 15.40 7.45 -19.60
C GLN C 43 15.68 6.45 -18.50
N MET C 44 14.93 6.56 -17.41
CA MET C 44 15.08 5.65 -16.24
C MET C 44 14.00 4.58 -16.24
N ARG C 45 14.38 3.36 -15.84
CA ARG C 45 13.48 2.23 -15.75
C ARG C 45 13.17 1.96 -14.29
N THR C 46 12.03 1.35 -14.03
CA THR C 46 11.72 0.93 -12.68
C THR C 46 12.46 -0.36 -12.42
N ARG C 47 13.30 -0.35 -11.39
CA ARG C 47 14.10 -1.51 -11.00
C ARG C 47 13.43 -2.30 -9.89
N ARG C 48 12.77 -1.62 -8.97
CA ARG C 48 12.06 -2.25 -7.89
C ARG C 48 10.73 -1.56 -7.71
N THR C 49 9.69 -2.34 -7.44
CA THR C 49 8.43 -1.82 -6.94
C THR C 49 8.25 -2.40 -5.55
N LEU C 50 8.08 -1.52 -4.57
CA LEU C 50 7.99 -1.91 -3.18
C LEU C 50 6.53 -1.87 -2.76
N ARG C 51 5.93 -3.04 -2.59
CA ARG C 51 4.52 -3.16 -2.27
C ARG C 51 4.35 -3.48 -0.80
N GLY C 52 3.34 -2.91 -0.19
CA GLY C 52 3.12 -3.14 1.22
C GLY C 52 2.33 -2.08 1.95
N HIS C 53 2.50 -0.82 1.61
CA HIS C 53 1.61 0.20 2.16
C HIS C 53 0.22 0.05 1.55
N LEU C 54 -0.80 0.42 2.31
CA LEU C 54 -2.16 0.38 1.81
C LEU C 54 -2.80 1.74 1.72
N ALA C 55 -2.28 2.73 2.43
CA ALA C 55 -2.82 4.07 2.43
C ALA C 55 -1.86 4.94 1.65
N LYS C 56 -2.20 6.22 1.57
CA LYS C 56 -1.31 7.15 0.82
C LYS C 56 0.04 7.25 1.52
N ILE C 57 1.09 7.24 0.73
CA ILE C 57 2.45 7.44 1.20
C ILE C 57 2.73 8.93 1.12
N TYR C 58 3.21 9.50 2.22
CA TYR C 58 3.45 10.93 2.28
C TYR C 58 4.92 11.32 2.32
N ALA C 59 5.78 10.42 2.78
CA ALA C 59 7.20 10.71 2.87
C ALA C 59 8.01 9.44 2.76
N MET C 60 9.22 9.58 2.27
CA MET C 60 10.24 8.51 2.38
C MET C 60 11.60 9.18 2.57
N HIS C 61 12.56 8.46 3.11
CA HIS C 61 13.91 8.99 3.24
C HIS C 61 14.93 7.88 3.17
N TRP C 62 15.90 8.02 2.27
CA TRP C 62 16.98 7.06 2.14
C TRP C 62 17.90 7.10 3.35
N GLY C 63 18.41 5.94 3.74
CA GLY C 63 19.50 5.88 4.67
C GLY C 63 20.82 6.17 4.00
N THR C 64 21.87 6.32 4.81
CA THR C 64 23.17 6.70 4.27
C THR C 64 23.91 5.55 3.61
N ASP C 65 23.42 4.32 3.75
CA ASP C 65 24.04 3.18 3.09
C ASP C 65 23.52 2.96 1.68
N SER C 66 22.60 3.81 1.23
CA SER C 66 21.98 3.79 -0.09
C SER C 66 21.20 2.52 -0.37
N ARG C 67 20.96 1.70 0.64
CA ARG C 67 20.24 0.46 0.51
C ARG C 67 18.94 0.45 1.29
N LEU C 68 18.93 1.00 2.50
CA LEU C 68 17.74 1.07 3.32
C LEU C 68 17.04 2.39 3.12
N LEU C 69 15.72 2.34 3.15
CA LEU C 69 14.92 3.56 3.15
C LEU C 69 13.72 3.37 4.07
N VAL C 70 13.26 4.47 4.63
CA VAL C 70 12.02 4.50 5.40
C VAL C 70 10.97 5.19 4.55
N SER C 71 9.76 4.64 4.61
CA SER C 71 8.55 5.29 4.00
C SER C 71 7.44 5.40 5.05
N ALA C 72 6.67 6.48 4.98
CA ALA C 72 5.61 6.78 5.93
C ALA C 72 4.28 6.88 5.19
N SER C 73 3.29 6.13 5.65
CA SER C 73 1.97 6.17 5.04
C SER C 73 0.93 6.29 6.13
N GLN C 74 -0.24 6.78 5.76
CA GLN C 74 -1.29 6.94 6.74
C GLN C 74 -2.05 5.64 6.96
N ASP C 75 -1.30 4.57 7.03
CA ASP C 75 -1.85 3.30 7.54
C ASP C 75 -1.58 3.35 9.04
N GLY C 76 -0.68 4.25 9.48
CA GLY C 76 -0.11 4.11 10.79
C GLY C 76 1.16 3.30 10.79
N LYS C 77 1.90 3.31 9.69
CA LYS C 77 3.08 2.48 9.57
C LYS C 77 4.25 3.29 9.04
N LEU C 78 5.42 3.01 9.59
CA LEU C 78 6.68 3.19 8.89
C LEU C 78 7.20 1.82 8.50
N ILE C 79 7.73 1.70 7.30
CA ILE C 79 8.35 0.47 6.86
C ILE C 79 9.79 0.79 6.46
N ILE C 80 10.72 0.03 7.00
CA ILE C 80 12.13 0.10 6.61
C ILE C 80 12.36 -0.97 5.57
N TRP C 81 12.71 -0.55 4.37
CA TRP C 81 12.80 -1.42 3.22
C TRP C 81 14.25 -1.72 2.91
N ASP C 82 14.51 -2.95 2.48
CA ASP C 82 15.77 -3.31 1.87
C ASP C 82 15.61 -3.15 0.37
N SER C 83 15.99 -1.99 -0.16
CA SER C 83 15.65 -1.65 -1.53
C SER C 83 16.28 -2.57 -2.57
N TYR C 84 17.35 -3.29 -2.23
CA TYR C 84 17.97 -4.20 -3.18
C TYR C 84 17.15 -5.47 -3.39
N THR C 85 16.44 -5.92 -2.35
CA THR C 85 15.72 -7.18 -2.38
C THR C 85 14.22 -7.02 -2.26
N THR C 86 13.74 -5.83 -1.90
CA THR C 86 12.37 -5.46 -1.57
C THR C 86 11.90 -6.05 -0.24
N ASN C 87 12.76 -6.72 0.51
CA ASN C 87 12.39 -7.23 1.81
C ASN C 87 12.10 -6.11 2.79
N LYS C 88 11.08 -6.32 3.62
CA LYS C 88 10.77 -5.39 4.70
C LYS C 88 11.61 -5.73 5.91
N VAL C 89 12.41 -4.77 6.37
CA VAL C 89 13.28 -4.95 7.52
C VAL C 89 12.54 -4.73 8.81
N HIS C 90 11.79 -3.64 8.90
CA HIS C 90 10.95 -3.33 10.05
C HIS C 90 9.62 -2.81 9.57
N ALA C 91 8.58 -3.11 10.32
CA ALA C 91 7.31 -2.40 10.17
C ALA C 91 6.95 -1.84 11.54
N ILE C 92 6.88 -0.53 11.63
CA ILE C 92 6.79 0.19 12.90
C ILE C 92 5.36 0.72 13.04
N PRO C 93 4.56 0.23 13.98
CA PRO C 93 3.25 0.85 14.23
C PRO C 93 3.39 2.21 14.89
N LEU C 94 2.59 3.15 14.43
CA LEU C 94 2.59 4.53 14.90
C LEU C 94 1.43 4.75 15.85
N ARG C 95 1.66 5.58 16.88
CA ARG C 95 0.57 5.90 17.79
C ARG C 95 -0.41 6.88 17.16
N SER C 96 0.02 7.65 16.18
CA SER C 96 -0.84 8.53 15.40
C SER C 96 -0.62 8.23 13.93
N SER C 97 -1.68 7.85 13.24
CA SER C 97 -1.52 7.45 11.85
C SER C 97 -1.36 8.62 10.89
N TRP C 98 -1.62 9.86 11.32
CA TRP C 98 -1.62 10.98 10.38
C TRP C 98 -0.21 11.51 10.23
N VAL C 99 0.63 10.70 9.61
CA VAL C 99 2.05 10.96 9.49
C VAL C 99 2.28 11.71 8.18
N MET C 100 3.08 12.76 8.24
CA MET C 100 3.35 13.56 7.07
C MET C 100 4.81 13.52 6.65
N THR C 101 5.71 13.24 7.57
CA THR C 101 7.14 13.26 7.31
C THR C 101 7.79 12.07 8.01
N CYS C 102 8.96 11.68 7.52
CA CYS C 102 9.84 10.75 8.22
C CYS C 102 11.27 11.07 7.85
N ALA C 103 12.20 10.56 8.64
CA ALA C 103 13.61 10.79 8.39
C ALA C 103 14.41 9.60 8.90
N TYR C 104 15.48 9.28 8.19
CA TYR C 104 16.34 8.17 8.51
C TYR C 104 17.64 8.75 9.03
N ALA C 105 17.95 8.53 10.31
CA ALA C 105 19.13 9.16 10.87
C ALA C 105 20.38 8.73 10.10
N PRO C 106 21.35 9.64 9.93
CA PRO C 106 22.58 9.25 9.20
C PRO C 106 23.27 8.00 9.74
N SER C 107 23.16 7.68 11.02
CA SER C 107 23.83 6.50 11.54
C SER C 107 23.08 5.21 11.24
N GLY C 108 21.79 5.31 10.90
CA GLY C 108 20.92 4.17 10.83
C GLY C 108 20.35 3.72 12.15
N ASN C 109 20.69 4.38 13.25
CA ASN C 109 20.21 3.97 14.56
C ASN C 109 18.80 4.42 14.84
N TYR C 110 18.40 5.55 14.30
CA TYR C 110 17.08 6.10 14.57
C TYR C 110 16.37 6.47 13.29
N VAL C 111 15.05 6.44 13.39
CA VAL C 111 14.13 6.90 12.36
C VAL C 111 13.12 7.79 13.07
N ALA C 112 12.78 8.91 12.43
CA ALA C 112 11.82 9.84 12.99
C ALA C 112 10.62 9.98 12.07
N CYS C 113 9.49 10.38 12.63
CA CYS C 113 8.31 10.70 11.84
C CYS C 113 7.37 11.54 12.67
N GLY C 114 6.38 12.13 12.00
CA GLY C 114 5.27 12.76 12.69
C GLY C 114 4.36 13.45 11.71
N GLY C 115 3.34 14.09 12.23
CA GLY C 115 2.39 14.76 11.38
C GLY C 115 1.38 15.62 12.10
N LEU C 116 0.10 15.31 11.94
CA LEU C 116 -0.99 16.13 12.45
C LEU C 116 -1.14 16.08 13.95
N ASP C 117 -0.36 15.27 14.65
CA ASP C 117 -0.34 15.28 16.10
C ASP C 117 0.61 16.31 16.68
N ASN C 118 1.35 17.03 15.83
CA ASN C 118 2.31 18.06 16.21
C ASN C 118 3.51 17.52 16.98
N ILE C 119 3.73 16.21 16.94
CA ILE C 119 4.82 15.59 17.69
C ILE C 119 5.73 14.87 16.72
N CYS C 120 7.04 15.08 16.87
CA CYS C 120 8.05 14.34 16.12
C CYS C 120 8.53 13.18 16.97
N SER C 121 8.25 11.96 16.55
CA SER C 121 8.60 10.78 17.33
C SER C 121 9.90 10.18 16.84
N ILE C 122 10.77 9.82 17.77
CA ILE C 122 12.07 9.25 17.48
C ILE C 122 12.01 7.78 17.85
N TYR C 123 12.18 6.92 16.86
CA TYR C 123 12.16 5.48 17.08
C TYR C 123 13.58 4.93 17.06
N ASN C 124 13.85 3.99 17.95
CA ASN C 124 15.15 3.33 18.04
C ASN C 124 15.08 2.03 17.26
N LEU C 125 15.85 1.94 16.18
CA LEU C 125 15.85 0.79 15.29
C LEU C 125 16.72 -0.35 15.77
N LYS C 126 17.61 -0.12 16.71
CA LYS C 126 18.61 -1.11 17.09
C LYS C 126 18.57 -1.30 18.61
N THR C 127 17.76 -2.23 19.05
CA THR C 127 17.50 -2.45 20.45
C THR C 127 18.01 -3.82 20.86
N ARG C 128 18.16 -3.99 22.17
CA ARG C 128 18.52 -5.29 22.79
C ARG C 128 17.28 -6.20 22.80
N GLU C 129 16.08 -5.63 22.91
CA GLU C 129 14.85 -6.41 22.87
C GLU C 129 14.50 -6.92 21.47
N GLY C 130 15.00 -6.27 20.42
CA GLY C 130 14.77 -6.77 19.08
C GLY C 130 13.64 -6.12 18.33
N ASN C 131 12.77 -5.40 19.01
CA ASN C 131 11.70 -4.68 18.35
C ASN C 131 12.09 -3.21 18.23
N VAL C 132 11.26 -2.45 17.54
CA VAL C 132 11.49 -1.01 17.40
C VAL C 132 10.56 -0.28 18.35
N ARG C 133 11.11 0.63 19.14
CA ARG C 133 10.35 1.35 20.15
C ARG C 133 10.60 2.84 20.05
N VAL C 134 9.67 3.61 20.60
CA VAL C 134 9.81 5.06 20.68
C VAL C 134 10.80 5.39 21.77
N SER C 135 11.84 6.14 21.43
CA SER C 135 12.77 6.62 22.43
C SER C 135 12.35 7.99 22.98
N ARG C 136 11.82 8.87 22.13
CA ARG C 136 11.39 10.19 22.54
C ARG C 136 10.19 10.63 21.73
N GLU C 137 9.32 11.40 22.37
CA GLU C 137 8.23 12.12 21.73
C GLU C 137 8.50 13.61 21.84
N LEU C 138 8.95 14.22 20.74
CA LEU C 138 9.39 15.61 20.76
C LEU C 138 8.18 16.52 20.60
N ALA C 139 7.52 16.77 21.71
CA ALA C 139 6.34 17.62 21.72
C ALA C 139 6.72 19.06 22.01
N GLY C 140 5.95 19.98 21.45
CA GLY C 140 6.23 21.38 21.64
C GLY C 140 5.84 22.28 20.49
N HIS C 141 5.66 21.71 19.30
CA HIS C 141 5.10 22.47 18.19
C HIS C 141 3.62 22.66 18.39
N THR C 142 3.09 23.75 17.84
CA THR C 142 1.66 24.01 17.95
C THR C 142 0.92 23.77 16.65
N GLY C 143 1.55 23.16 15.65
CA GLY C 143 0.93 22.82 14.40
C GLY C 143 1.52 21.52 13.86
N TYR C 144 0.91 21.03 12.80
CA TYR C 144 1.31 19.75 12.22
C TYR C 144 2.80 19.76 11.85
N LEU C 145 3.44 18.60 12.01
CA LEU C 145 4.82 18.43 11.63
C LEU C 145 4.93 18.18 10.13
N SER C 146 5.60 19.09 9.43
CA SER C 146 5.69 19.00 7.99
C SER C 146 6.97 18.33 7.50
N CYS C 147 8.08 18.47 8.22
CA CYS C 147 9.34 17.89 7.79
C CYS C 147 10.28 17.83 8.99
N CYS C 148 10.99 16.72 9.11
CA CYS C 148 12.03 16.54 10.11
C CYS C 148 13.26 15.93 9.44
N ARG C 149 14.44 16.37 9.85
CA ARG C 149 15.68 15.82 9.34
C ARG C 149 16.70 15.74 10.47
N PHE C 150 17.36 14.59 10.56
CA PHE C 150 18.34 14.34 11.61
C PHE C 150 19.64 15.08 11.31
N LEU C 151 20.30 15.53 12.37
CA LEU C 151 21.68 15.97 12.30
C LEU C 151 22.65 14.95 12.87
N ASP C 152 22.25 14.27 13.94
CA ASP C 152 23.05 13.29 14.65
C ASP C 152 22.09 12.44 15.46
N ASP C 153 22.63 11.46 16.16
CA ASP C 153 21.77 10.62 16.99
C ASP C 153 21.09 11.44 18.07
N ASN C 154 21.62 12.61 18.40
CA ASN C 154 21.05 13.44 19.44
C ASN C 154 20.55 14.80 18.95
N GLN C 155 20.42 15.02 17.65
CA GLN C 155 19.96 16.31 17.16
C GLN C 155 19.07 16.10 15.95
N ILE C 156 17.93 16.76 15.94
CA ILE C 156 17.00 16.74 14.81
C ILE C 156 16.39 18.12 14.64
N VAL C 157 16.20 18.54 13.39
CA VAL C 157 15.55 19.80 13.06
C VAL C 157 14.17 19.48 12.52
N THR C 158 13.17 20.18 13.02
CA THR C 158 11.78 20.00 12.62
C THR C 158 11.22 21.30 12.08
N SER C 159 10.21 21.19 11.24
CA SER C 159 9.43 22.34 10.80
C SER C 159 7.96 21.94 10.87
N SER C 160 7.11 22.90 11.20
CA SER C 160 5.71 22.59 11.42
C SER C 160 4.82 23.70 10.90
N GLY C 161 3.52 23.45 10.95
CA GLY C 161 2.52 24.40 10.52
C GLY C 161 2.34 25.59 11.43
N ASP C 162 3.09 25.72 12.50
CA ASP C 162 3.02 26.87 13.37
C ASP C 162 3.97 27.98 12.93
N THR C 163 4.53 27.87 11.73
CA THR C 163 5.38 28.81 11.03
C THR C 163 6.81 28.81 11.55
N THR C 164 7.17 27.94 12.49
CA THR C 164 8.54 27.91 12.97
C THR C 164 9.22 26.60 12.58
N CYS C 165 10.53 26.61 12.74
CA CYS C 165 11.34 25.41 12.81
C CYS C 165 12.00 25.37 14.18
N ALA C 166 12.49 24.19 14.56
CA ALA C 166 13.15 24.02 15.84
C ALA C 166 14.27 23.01 15.71
N LEU C 167 15.32 23.23 16.48
CA LEU C 167 16.39 22.26 16.67
C LEU C 167 16.16 21.58 18.02
N TRP C 168 16.04 20.28 18.02
CA TRP C 168 15.73 19.54 19.23
C TRP C 168 16.94 18.81 19.76
N ASP C 169 17.07 18.82 21.07
CA ASP C 169 17.99 17.95 21.79
C ASP C 169 17.22 16.69 22.13
N ILE C 170 17.51 15.60 21.42
CA ILE C 170 16.65 14.44 21.50
C ILE C 170 16.70 13.81 22.88
N GLU C 171 17.91 13.67 23.44
CA GLU C 171 18.05 13.02 24.73
C GLU C 171 17.22 13.70 25.81
N THR C 172 17.19 15.02 25.84
CA THR C 172 16.38 15.71 26.84
C THR C 172 14.99 16.06 26.33
N GLY C 173 14.77 15.98 25.03
CA GLY C 173 13.47 16.29 24.48
C GLY C 173 13.11 17.76 24.45
N GLN C 174 14.09 18.65 24.41
CA GLN C 174 13.87 20.08 24.49
C GLN C 174 14.24 20.77 23.20
N GLN C 175 13.64 21.94 22.98
CA GLN C 175 14.03 22.79 21.86
C GLN C 175 15.18 23.68 22.29
N THR C 176 16.32 23.53 21.61
CA THR C 176 17.51 24.30 21.91
C THR C 176 17.62 25.56 21.08
N THR C 177 17.06 25.53 19.88
CA THR C 177 16.99 26.70 19.01
C THR C 177 15.63 26.73 18.34
N THR C 178 14.99 27.89 18.36
CA THR C 178 13.72 28.11 17.69
C THR C 178 13.96 29.09 16.56
N PHE C 179 13.51 28.75 15.37
CA PHE C 179 13.80 29.52 14.17
C PHE C 179 12.51 30.21 13.73
N THR C 180 12.41 31.49 14.03
CA THR C 180 11.22 32.27 13.72
C THR C 180 11.51 33.21 12.57
N GLY C 181 10.46 33.65 11.91
CA GLY C 181 10.60 34.57 10.81
C GLY C 181 9.67 34.30 9.63
N HIS C 182 9.22 33.06 9.47
CA HIS C 182 8.23 32.76 8.43
C HIS C 182 6.88 33.32 8.83
N THR C 183 6.08 33.66 7.83
CA THR C 183 4.72 34.12 8.09
C THR C 183 3.65 33.08 7.80
N GLY C 184 3.98 32.01 7.08
CA GLY C 184 3.04 30.95 6.81
C GLY C 184 3.59 29.61 7.26
N ASP C 185 2.78 28.59 7.09
CA ASP C 185 3.19 27.23 7.46
C ASP C 185 4.48 26.86 6.77
N VAL C 186 5.38 26.21 7.49
CA VAL C 186 6.65 25.77 6.92
C VAL C 186 6.46 24.34 6.45
N MET C 187 6.76 24.09 5.17
CA MET C 187 6.41 22.82 4.55
C MET C 187 7.57 21.87 4.38
N SER C 188 8.79 22.38 4.25
CA SER C 188 9.89 21.54 3.84
C SER C 188 11.18 22.03 4.47
N LEU C 189 12.08 21.09 4.73
CA LEU C 189 13.43 21.36 5.19
C LEU C 189 14.43 20.69 4.27
N SER C 190 15.61 21.25 4.22
CA SER C 190 16.77 20.55 3.68
C SER C 190 17.97 21.04 4.45
N LEU C 191 18.81 20.11 4.89
CA LEU C 191 20.03 20.42 5.63
C LEU C 191 21.18 20.61 4.66
N ALA C 192 22.07 21.53 4.97
CA ALA C 192 23.27 21.68 4.17
C ALA C 192 24.13 20.42 4.31
N PRO C 193 24.92 20.09 3.29
CA PRO C 193 25.81 18.92 3.40
C PRO C 193 26.67 18.93 4.67
N ASP C 194 27.06 20.09 5.17
CA ASP C 194 27.86 20.17 6.37
C ASP C 194 27.02 20.35 7.63
N THR C 195 25.69 20.30 7.50
CA THR C 195 24.68 20.54 8.52
C THR C 195 25.08 21.62 9.53
N ARG C 196 25.61 22.73 9.02
CA ARG C 196 25.76 23.99 9.82
C ARG C 196 24.62 24.95 9.44
N LEU C 197 24.11 24.82 8.21
CA LEU C 197 23.04 25.62 7.67
C LEU C 197 21.92 24.70 7.28
N PHE C 198 20.72 25.24 7.20
CA PHE C 198 19.62 24.57 6.54
C PHE C 198 18.71 25.61 5.91
N VAL C 199 17.87 25.15 5.01
CA VAL C 199 16.91 26.00 4.34
C VAL C 199 15.53 25.41 4.57
N SER C 200 14.51 26.25 4.52
CA SER C 200 13.13 25.85 4.68
C SER C 200 12.26 26.61 3.71
N GLY C 201 11.21 25.98 3.23
CA GLY C 201 10.20 26.64 2.44
C GLY C 201 8.87 26.70 3.17
N ALA C 202 8.13 27.78 2.95
CA ALA C 202 6.92 28.02 3.70
C ALA C 202 5.82 28.51 2.79
N CYS C 203 4.60 28.53 3.33
CA CYS C 203 3.41 29.01 2.63
C CYS C 203 3.33 30.53 2.70
N ASP C 204 4.46 31.14 2.41
CA ASP C 204 4.49 32.57 2.12
C ASP C 204 5.33 32.83 0.89
N ALA C 205 5.66 31.77 0.14
CA ALA C 205 6.36 31.84 -1.14
C ALA C 205 7.83 32.25 -0.98
N SER C 206 8.32 32.21 0.24
CA SER C 206 9.74 32.49 0.47
C SER C 206 10.41 31.26 1.04
N ALA C 207 11.71 31.17 0.78
CA ALA C 207 12.57 30.20 1.45
C ALA C 207 13.58 30.97 2.27
N LYS C 208 14.00 30.39 3.39
CA LYS C 208 14.92 31.07 4.29
C LYS C 208 16.11 30.19 4.60
N LEU C 209 17.27 30.81 4.72
CA LEU C 209 18.50 30.15 5.11
C LEU C 209 18.73 30.38 6.60
N TRP C 210 18.81 29.29 7.36
CA TRP C 210 18.94 29.36 8.80
C TRP C 210 20.32 28.92 9.24
N ASP C 211 20.83 29.56 10.27
CA ASP C 211 22.07 29.18 10.92
C ASP C 211 21.74 28.29 12.10
N VAL C 212 22.13 27.02 12.03
CA VAL C 212 21.66 26.04 12.99
C VAL C 212 22.02 26.45 14.42
N ARG C 213 23.24 26.92 14.61
CA ARG C 213 23.76 27.22 15.98
C ARG C 213 23.37 28.62 16.46
N GLU C 214 23.34 29.63 15.59
CA GLU C 214 22.99 30.98 15.98
C GLU C 214 21.49 31.19 16.15
N GLY C 215 20.68 30.47 15.39
CA GLY C 215 19.24 30.62 15.44
C GLY C 215 18.68 31.76 14.63
N MET C 216 19.49 32.40 13.79
CA MET C 216 19.05 33.54 13.02
C MET C 216 18.76 33.12 11.57
N CYS C 217 17.89 33.88 10.90
CA CYS C 217 17.73 33.78 9.46
C CYS C 217 18.78 34.64 8.77
N ARG C 218 19.62 34.00 7.97
CA ARG C 218 20.65 34.69 7.22
C ARG C 218 20.18 35.26 5.91
N GLN C 219 19.32 34.56 5.18
CA GLN C 219 18.84 35.04 3.89
C GLN C 219 17.41 34.63 3.66
N THR C 220 16.66 35.50 3.00
CA THR C 220 15.30 35.20 2.55
C THR C 220 15.24 35.24 1.03
N PHE C 221 14.72 34.19 0.43
CA PHE C 221 14.70 34.05 -1.02
C PHE C 221 13.26 34.04 -1.50
N THR C 222 12.91 35.05 -2.29
CA THR C 222 11.56 35.19 -2.80
C THR C 222 11.58 34.95 -4.30
N GLY C 223 10.39 34.83 -4.88
CA GLY C 223 10.26 34.58 -6.30
C GLY C 223 9.10 33.70 -6.68
N HIS C 224 8.69 32.79 -5.82
CA HIS C 224 7.56 31.93 -6.13
C HIS C 224 6.28 32.74 -6.05
N GLU C 225 5.29 32.31 -6.83
CA GLU C 225 3.98 32.94 -6.81
C GLU C 225 3.02 32.28 -5.84
N SER C 226 3.39 31.14 -5.27
CA SER C 226 2.49 30.42 -4.38
C SER C 226 3.32 29.63 -3.39
N ASP C 227 2.66 28.81 -2.59
CA ASP C 227 3.30 28.11 -1.48
C ASP C 227 4.40 27.18 -1.95
N ILE C 228 5.47 27.11 -1.17
CA ILE C 228 6.57 26.20 -1.43
C ILE C 228 6.32 24.89 -0.68
N ASN C 229 6.32 23.79 -1.42
CA ASN C 229 6.02 22.48 -0.85
C ASN C 229 7.25 21.64 -0.58
N ALA C 230 8.36 21.89 -1.28
CA ALA C 230 9.55 21.05 -1.21
C ALA C 230 10.78 21.89 -1.41
N ILE C 231 11.88 21.46 -0.79
CA ILE C 231 13.15 22.17 -0.89
C ILE C 231 14.26 21.15 -0.77
N CYS C 232 15.35 21.38 -1.51
CA CYS C 232 16.52 20.54 -1.45
C CYS C 232 17.76 21.37 -1.76
N PHE C 233 18.86 21.04 -1.10
CA PHE C 233 20.16 21.64 -1.36
C PHE C 233 20.80 21.08 -2.63
N PHE C 234 21.48 21.97 -3.34
CA PHE C 234 22.44 21.58 -4.36
C PHE C 234 23.63 20.88 -3.69
N PRO C 235 24.14 19.80 -4.28
CA PRO C 235 25.15 18.98 -3.61
C PRO C 235 26.34 19.70 -3.00
N ASN C 236 26.77 20.84 -3.53
CA ASN C 236 27.91 21.53 -2.96
C ASN C 236 27.54 22.50 -1.84
N GLY C 237 26.26 22.64 -1.50
CA GLY C 237 25.86 23.43 -0.37
C GLY C 237 25.76 24.92 -0.61
N ASN C 238 26.01 25.38 -1.83
CA ASN C 238 26.04 26.79 -2.14
C ASN C 238 24.78 27.24 -2.88
N ALA C 239 23.84 26.32 -3.08
CA ALA C 239 22.64 26.60 -3.83
C ALA C 239 21.60 25.59 -3.39
N PHE C 240 20.34 25.90 -3.66
CA PHE C 240 19.24 25.01 -3.35
C PHE C 240 18.14 25.24 -4.37
N ALA C 241 17.24 24.27 -4.47
CA ALA C 241 16.08 24.34 -5.34
C ALA C 241 14.81 24.16 -4.53
N THR C 242 13.75 24.83 -4.98
CA THR C 242 12.43 24.74 -4.37
C THR C 242 11.42 24.27 -5.40
N GLY C 243 10.31 23.73 -4.90
CA GLY C 243 9.14 23.46 -5.71
C GLY C 243 7.90 23.98 -5.04
N SER C 244 7.01 24.61 -5.81
CA SER C 244 5.89 25.31 -5.23
C SER C 244 4.60 24.92 -5.95
N ASP C 245 3.49 25.45 -5.48
CA ASP C 245 2.17 25.19 -6.04
C ASP C 245 2.00 25.79 -7.42
N ASP C 246 2.86 26.72 -7.82
CA ASP C 246 2.76 27.42 -9.08
C ASP C 246 3.37 26.64 -10.24
N ALA C 247 3.74 25.37 -10.01
CA ALA C 247 4.19 24.44 -11.03
C ALA C 247 5.61 24.72 -11.50
N THR C 248 6.32 25.61 -10.83
CA THR C 248 7.69 25.94 -11.15
C THR C 248 8.64 25.49 -10.05
N CYS C 249 9.79 25.00 -10.47
CA CYS C 249 10.94 24.84 -9.60
C CYS C 249 11.88 26.01 -9.82
N ARG C 250 12.60 26.40 -8.79
CA ARG C 250 13.52 27.51 -8.90
C ARG C 250 14.82 27.19 -8.20
N LEU C 251 15.93 27.55 -8.83
CA LEU C 251 17.25 27.37 -8.26
C LEU C 251 17.74 28.69 -7.71
N PHE C 252 18.10 28.70 -6.44
CA PHE C 252 18.58 29.89 -5.76
C PHE C 252 20.04 29.72 -5.40
N ASP C 253 20.81 30.79 -5.53
CA ASP C 253 22.21 30.81 -5.12
C ASP C 253 22.32 31.51 -3.77
N LEU C 254 23.08 30.92 -2.85
CA LEU C 254 23.25 31.52 -1.54
C LEU C 254 24.24 32.66 -1.55
N ARG C 255 25.33 32.54 -2.32
CA ARG C 255 26.39 33.53 -2.28
C ARG C 255 26.11 34.74 -3.15
N ALA C 256 25.43 34.57 -4.28
CA ALA C 256 24.97 35.71 -5.06
C ALA C 256 23.67 36.30 -4.52
N ASP C 257 23.06 35.67 -3.51
CA ASP C 257 21.81 36.11 -2.90
C ASP C 257 20.75 36.39 -3.96
N GLN C 258 20.58 35.45 -4.89
CA GLN C 258 19.82 35.71 -6.10
C GLN C 258 19.27 34.41 -6.67
N GLU C 259 18.14 34.54 -7.36
CA GLU C 259 17.58 33.43 -8.10
C GLU C 259 18.33 33.24 -9.41
N LEU C 260 18.69 32.00 -9.69
CA LEU C 260 19.45 31.67 -10.90
C LEU C 260 18.57 31.29 -12.07
N MET C 261 17.64 30.36 -11.86
CA MET C 261 16.97 29.73 -12.98
C MET C 261 15.61 29.22 -12.54
N THR C 262 14.66 29.24 -13.46
CA THR C 262 13.33 28.71 -13.25
C THR C 262 13.15 27.49 -14.15
N TYR C 263 12.47 26.47 -13.65
CA TYR C 263 12.22 25.24 -14.40
C TYR C 263 10.72 25.09 -14.57
N SER C 264 10.24 25.37 -15.78
CA SER C 264 8.82 25.34 -16.05
C SER C 264 8.59 24.98 -17.50
N HIS C 265 7.34 24.65 -17.80
CA HIS C 265 6.92 24.29 -19.14
C HIS C 265 5.44 24.60 -19.28
N ASP C 266 5.04 25.00 -20.50
CA ASP C 266 3.65 25.32 -20.76
C ASP C 266 2.71 24.16 -20.48
N ASN C 267 3.20 22.93 -20.60
CA ASN C 267 2.37 21.75 -20.38
C ASN C 267 2.36 21.28 -18.94
N ILE C 268 3.01 22.01 -18.03
CA ILE C 268 3.05 21.66 -16.62
C ILE C 268 2.30 22.75 -15.87
N ILE C 269 1.09 22.44 -15.42
CA ILE C 269 0.24 23.44 -14.79
C ILE C 269 -0.09 23.07 -13.35
N CYS C 270 0.31 21.90 -12.90
CA CYS C 270 -0.01 21.42 -11.57
C CYS C 270 1.15 21.63 -10.61
N GLY C 271 0.85 21.55 -9.33
CA GLY C 271 1.84 21.84 -8.32
C GLY C 271 2.93 20.81 -8.20
N ILE C 272 3.94 21.18 -7.45
CA ILE C 272 5.12 20.36 -7.20
C ILE C 272 5.14 19.99 -5.72
N THR C 273 5.39 18.72 -5.44
CA THR C 273 5.40 18.22 -4.08
C THR C 273 6.78 17.83 -3.57
N SER C 274 7.69 17.53 -4.46
CA SER C 274 9.02 17.05 -3.97
C SER C 274 10.10 17.32 -5.02
N VAL C 275 11.25 17.72 -4.53
CA VAL C 275 12.42 18.01 -5.36
C VAL C 275 13.65 17.32 -4.79
N SER C 276 14.56 16.91 -5.69
CA SER C 276 15.86 16.39 -5.28
C SER C 276 16.86 16.54 -6.42
N PHE C 277 18.14 16.54 -6.05
CA PHE C 277 19.25 16.63 -6.97
C PHE C 277 19.91 15.27 -7.15
N SER C 278 20.46 15.04 -8.33
CA SER C 278 21.34 13.90 -8.55
C SER C 278 22.70 14.19 -7.93
N LYS C 279 23.56 13.17 -7.86
CA LYS C 279 24.82 13.29 -7.15
C LYS C 279 25.69 14.43 -7.67
N SER C 280 25.73 14.61 -8.99
CA SER C 280 26.52 15.72 -9.53
C SER C 280 25.80 17.05 -9.46
N GLY C 281 24.50 17.06 -9.16
CA GLY C 281 23.74 18.27 -9.18
C GLY C 281 23.28 18.68 -10.56
N ARG C 282 23.66 17.93 -11.59
CA ARG C 282 23.33 18.27 -12.96
C ARG C 282 21.87 18.02 -13.29
N LEU C 283 21.27 17.02 -12.67
CA LEU C 283 19.87 16.71 -12.87
C LEU C 283 19.08 17.14 -11.63
N LEU C 284 17.97 17.82 -11.87
CA LEU C 284 17.05 18.21 -10.83
C LEU C 284 15.73 17.48 -11.04
N LEU C 285 15.35 16.66 -10.08
CA LEU C 285 14.19 15.79 -10.19
C LEU C 285 13.07 16.35 -9.32
N ALA C 286 11.86 16.39 -9.87
CA ALA C 286 10.73 16.94 -9.13
C ALA C 286 9.51 16.06 -9.34
N GLY C 287 8.78 15.80 -8.25
CA GLY C 287 7.52 15.09 -8.31
C GLY C 287 6.34 16.05 -8.41
N TYR C 288 5.36 15.68 -9.22
CA TYR C 288 4.25 16.56 -9.54
C TYR C 288 2.92 15.93 -9.16
N ASP C 289 1.92 16.81 -9.01
CA ASP C 289 0.56 16.37 -8.71
C ASP C 289 -0.03 15.56 -9.85
N ASP C 290 0.55 15.60 -11.03
CA ASP C 290 0.02 14.91 -12.20
C ASP C 290 0.51 13.47 -12.30
N PHE C 291 1.11 12.94 -11.24
CA PHE C 291 1.54 11.55 -11.04
C PHE C 291 2.92 11.28 -11.65
N ASN C 292 3.53 12.25 -12.34
CA ASN C 292 4.84 12.06 -12.93
C ASN C 292 5.92 12.75 -12.10
N CYS C 293 7.14 12.33 -12.33
CA CYS C 293 8.32 13.06 -11.91
C CYS C 293 9.02 13.52 -13.16
N ASN C 294 9.41 14.79 -13.19
CA ASN C 294 10.18 15.32 -14.30
C ASN C 294 11.63 15.41 -13.90
N VAL C 295 12.51 15.14 -14.85
CA VAL C 295 13.95 15.27 -14.66
C VAL C 295 14.38 16.49 -15.45
N TRP C 296 14.83 17.51 -14.74
CA TRP C 296 15.27 18.74 -15.37
C TRP C 296 16.78 18.73 -15.51
N ASP C 297 17.26 19.41 -16.53
CA ASP C 297 18.67 19.71 -16.65
C ASP C 297 18.92 20.92 -15.78
N ALA C 298 19.59 20.72 -14.65
CA ALA C 298 19.70 21.77 -13.64
C ALA C 298 20.41 23.01 -14.17
N LEU C 299 21.18 22.87 -15.24
CA LEU C 299 21.93 24.01 -15.75
C LEU C 299 21.27 24.66 -16.94
N LYS C 300 20.24 24.04 -17.52
CA LYS C 300 19.64 24.55 -18.80
C LYS C 300 18.13 24.77 -18.70
N ALA C 301 17.43 24.19 -17.72
CA ALA C 301 15.98 24.30 -17.61
C ALA C 301 15.28 23.57 -18.76
N ASP C 302 15.98 22.63 -19.36
CA ASP C 302 15.40 21.68 -20.29
C ASP C 302 14.84 20.48 -19.55
N ARG C 303 13.80 19.88 -20.11
CA ARG C 303 13.23 18.66 -19.53
C ARG C 303 14.04 17.49 -20.06
N ALA C 304 14.84 16.89 -19.20
CA ALA C 304 15.72 15.81 -19.62
C ALA C 304 15.00 14.47 -19.66
N GLY C 305 13.92 14.30 -18.93
CA GLY C 305 13.19 13.05 -18.97
C GLY C 305 11.98 13.11 -18.08
N VAL C 306 11.18 12.05 -18.16
CA VAL C 306 9.96 11.91 -17.39
C VAL C 306 9.98 10.52 -16.76
N LEU C 307 9.73 10.45 -15.46
CA LEU C 307 9.57 9.18 -14.78
C LEU C 307 8.08 8.94 -14.53
N ALA C 308 7.47 8.14 -15.41
CA ALA C 308 6.03 7.95 -15.36
C ALA C 308 5.75 6.51 -14.94
N GLY C 309 4.65 6.34 -14.21
CA GLY C 309 4.32 5.01 -13.74
C GLY C 309 3.50 4.93 -12.47
N HIS C 310 3.38 6.04 -11.76
CA HIS C 310 2.53 6.10 -10.58
C HIS C 310 1.11 6.43 -11.00
N ASP C 311 0.15 5.92 -10.25
CA ASP C 311 -1.26 6.06 -10.56
C ASP C 311 -1.93 7.18 -9.79
N ASN C 312 -1.17 7.91 -8.98
CA ASN C 312 -1.70 8.98 -8.15
C ASN C 312 -0.54 9.93 -7.91
N ARG C 313 -0.83 11.00 -7.17
CA ARG C 313 0.13 12.05 -6.88
C ARG C 313 1.44 11.49 -6.31
N VAL C 314 2.56 12.02 -6.80
CA VAL C 314 3.87 11.69 -6.27
C VAL C 314 4.11 12.53 -5.03
N SER C 315 4.29 11.88 -3.89
CA SER C 315 4.40 12.58 -2.62
C SER C 315 5.83 12.88 -2.21
N CYS C 316 6.81 12.14 -2.70
CA CYS C 316 8.16 12.27 -2.19
C CYS C 316 9.15 11.67 -3.17
N LEU C 317 10.29 12.34 -3.32
CA LEU C 317 11.45 11.86 -4.05
C LEU C 317 12.60 11.64 -3.09
N GLY C 318 13.49 10.72 -3.45
CA GLY C 318 14.77 10.65 -2.78
C GLY C 318 15.82 9.96 -3.61
N VAL C 319 16.99 10.57 -3.68
CA VAL C 319 18.13 10.07 -4.44
C VAL C 319 19.14 9.53 -3.43
N THR C 320 19.73 8.39 -3.74
CA THR C 320 20.69 7.77 -2.84
C THR C 320 21.96 8.62 -2.72
N ASP C 321 22.66 8.44 -1.61
CA ASP C 321 23.90 9.17 -1.40
C ASP C 321 24.97 8.81 -2.42
N ASP C 322 24.95 7.60 -2.94
CA ASP C 322 25.86 7.25 -4.03
C ASP C 322 25.29 7.55 -5.41
N GLY C 323 24.08 8.09 -5.50
CA GLY C 323 23.47 8.42 -6.77
C GLY C 323 22.96 7.26 -7.60
N MET C 324 23.02 6.03 -7.09
CA MET C 324 22.68 4.88 -7.91
C MET C 324 21.21 4.83 -8.27
N ALA C 325 20.32 5.32 -7.42
CA ALA C 325 18.90 5.12 -7.66
C ALA C 325 18.12 6.34 -7.22
N VAL C 326 16.93 6.48 -7.80
CA VAL C 326 15.93 7.45 -7.38
C VAL C 326 14.74 6.68 -6.85
N ALA C 327 14.26 7.08 -5.68
CA ALA C 327 13.05 6.55 -5.11
C ALA C 327 11.93 7.58 -5.25
N THR C 328 10.74 7.10 -5.64
CA THR C 328 9.54 7.91 -5.67
C THR C 328 8.45 7.23 -4.87
N GLY C 329 7.71 8.02 -4.13
CA GLY C 329 6.55 7.53 -3.41
C GLY C 329 5.33 8.28 -3.86
N SER C 330 4.18 7.63 -3.75
CA SER C 330 2.96 8.22 -4.28
C SER C 330 1.78 7.88 -3.41
N TRP C 331 0.70 8.61 -3.63
CA TRP C 331 -0.60 8.36 -3.02
C TRP C 331 -1.26 7.07 -3.51
N ASP C 332 -0.68 6.37 -4.48
CA ASP C 332 -1.15 5.06 -4.89
C ASP C 332 -0.62 3.93 -4.02
N SER C 333 0.12 4.25 -2.95
CA SER C 333 0.62 3.35 -1.93
C SER C 333 1.81 2.50 -2.38
N PHE C 334 2.46 2.83 -3.49
CA PHE C 334 3.66 2.15 -3.92
C PHE C 334 4.85 3.08 -3.87
N LEU C 335 6.01 2.48 -3.66
CA LEU C 335 7.30 3.11 -3.93
C LEU C 335 7.89 2.50 -5.18
N LYS C 336 8.62 3.27 -5.94
CA LYS C 336 9.37 2.76 -7.08
C LYS C 336 10.80 3.24 -7.00
N ILE C 337 11.71 2.33 -7.36
CA ILE C 337 13.17 2.62 -7.40
C ILE C 337 13.57 2.69 -8.87
N TRP C 338 14.16 3.79 -9.30
CA TRP C 338 14.44 4.03 -10.70
C TRP C 338 15.93 4.07 -10.94
N ASN C 339 16.35 3.69 -12.14
CA ASN C 339 17.71 3.85 -12.60
C ASN C 339 17.73 3.75 -14.10
N ASN D 5 0.48 51.41 19.19
CA ASN D 5 0.32 49.97 19.32
C ASN D 5 1.66 49.31 19.57
N THR D 6 1.87 48.88 20.83
CA THR D 6 3.15 48.30 21.22
C THR D 6 3.47 47.05 20.43
N ALA D 7 2.48 46.17 20.24
CA ALA D 7 2.74 44.92 19.52
C ALA D 7 3.17 45.18 18.09
N SER D 8 2.52 46.13 17.42
CA SER D 8 2.87 46.46 16.05
C SER D 8 4.28 47.06 15.96
N ILE D 9 4.65 47.89 16.92
CA ILE D 9 6.00 48.45 16.95
C ILE D 9 7.02 47.36 17.21
N ALA D 10 6.74 46.48 18.17
CA ALA D 10 7.67 45.40 18.47
C ALA D 10 7.92 44.53 17.26
N GLN D 11 6.87 44.26 16.49
CA GLN D 11 6.99 43.48 15.23
C GLN D 11 7.77 44.29 14.19
N ALA D 12 7.54 45.59 14.09
CA ALA D 12 8.30 46.43 13.15
C ALA D 12 9.78 46.47 13.52
N ARG D 13 10.08 46.47 14.83
CA ARG D 13 11.47 46.45 15.26
C ARG D 13 12.17 45.18 14.81
N LYS D 14 11.50 44.04 14.99
CA LYS D 14 12.09 42.73 14.60
C LYS D 14 12.29 42.73 13.09
N LEU D 15 11.33 43.29 12.34
CA LEU D 15 11.42 43.34 10.89
C LEU D 15 12.60 44.18 10.43
N VAL D 16 12.75 45.39 10.98
CA VAL D 16 13.83 46.24 10.52
C VAL D 16 15.19 45.61 10.84
N GLU D 17 15.33 45.04 12.03
CA GLU D 17 16.61 44.44 12.38
C GLU D 17 16.91 43.23 11.49
N GLN D 18 15.90 42.42 11.17
CA GLN D 18 16.12 41.30 10.27
C GLN D 18 16.49 41.77 8.86
N LEU D 19 15.85 42.84 8.39
CA LEU D 19 16.19 43.33 7.06
C LEU D 19 17.59 43.90 7.02
N LYS D 20 18.02 44.57 8.09
CA LYS D 20 19.38 45.07 8.13
C LYS D 20 20.40 43.92 8.06
N MET D 21 20.13 42.82 8.77
CA MET D 21 21.09 41.72 8.74
C MET D 21 21.17 41.11 7.35
N GLU D 22 20.05 41.06 6.63
CA GLU D 22 20.06 40.51 5.28
C GLU D 22 20.61 41.49 4.25
N ALA D 23 20.37 42.79 4.45
CA ALA D 23 20.94 43.78 3.54
C ALA D 23 22.46 43.88 3.63
N ASN D 24 23.01 43.84 4.85
CA ASN D 24 24.44 44.01 5.07
C ASN D 24 25.21 42.71 4.99
N ILE D 25 25.23 42.06 3.83
CA ILE D 25 26.00 40.83 3.66
C ILE D 25 26.87 40.96 2.42
N ASP D 26 27.89 40.10 2.33
CA ASP D 26 28.75 40.08 1.15
C ASP D 26 28.10 39.24 0.05
N ARG D 27 28.04 39.81 -1.15
CA ARG D 27 27.46 39.13 -2.28
C ARG D 27 28.47 39.04 -3.41
N ILE D 28 28.35 37.98 -4.22
CA ILE D 28 29.20 37.77 -5.37
C ILE D 28 28.34 37.88 -6.61
N LYS D 29 28.99 37.92 -7.77
CA LYS D 29 28.23 38.03 -9.01
C LYS D 29 27.57 36.71 -9.35
N VAL D 30 26.43 36.81 -10.06
CA VAL D 30 25.72 35.62 -10.49
C VAL D 30 26.57 34.85 -11.50
N SER D 31 27.24 35.54 -12.41
CA SER D 31 28.07 34.86 -13.39
C SER D 31 29.15 34.02 -12.71
N LYS D 32 29.65 34.44 -11.55
CA LYS D 32 30.60 33.63 -10.81
C LYS D 32 29.93 32.43 -10.12
N ALA D 33 28.78 32.65 -9.50
CA ALA D 33 28.04 31.53 -8.90
C ALA D 33 27.66 30.50 -9.94
N ALA D 34 27.25 30.96 -11.11
CA ALA D 34 26.90 30.06 -12.21
C ALA D 34 28.10 29.26 -12.66
N ALA D 35 29.26 29.91 -12.76
CA ALA D 35 30.48 29.20 -13.14
C ALA D 35 30.84 28.13 -12.13
N ASP D 36 30.63 28.40 -10.84
CA ASP D 36 30.97 27.41 -9.83
C ASP D 36 29.99 26.24 -9.80
N LEU D 37 28.70 26.50 -9.99
CA LEU D 37 27.76 25.39 -10.06
C LEU D 37 27.97 24.56 -11.33
N MET D 38 28.24 25.25 -12.44
CA MET D 38 28.55 24.58 -13.69
C MET D 38 29.82 23.74 -13.57
N ALA D 39 30.85 24.31 -12.96
CA ALA D 39 32.10 23.57 -12.78
C ALA D 39 31.90 22.37 -11.87
N TYR D 40 31.11 22.50 -10.81
CA TYR D 40 30.84 21.36 -9.94
C TYR D 40 30.17 20.24 -10.71
N CYS D 41 29.13 20.56 -11.47
CA CYS D 41 28.44 19.52 -12.22
C CYS D 41 29.39 18.81 -13.18
N GLU D 42 30.26 19.55 -13.87
CA GLU D 42 31.21 18.89 -14.76
C GLU D 42 32.20 18.04 -14.00
N ALA D 43 32.80 18.57 -12.94
CA ALA D 43 33.83 17.83 -12.23
C ALA D 43 33.31 16.51 -11.69
N HIS D 44 32.06 16.47 -11.24
CA HIS D 44 31.49 15.26 -10.68
C HIS D 44 30.57 14.52 -11.63
N ALA D 45 30.55 14.90 -12.91
CA ALA D 45 29.65 14.26 -13.86
C ALA D 45 29.91 12.76 -13.98
N LYS D 46 31.18 12.36 -13.95
CA LYS D 46 31.52 10.96 -14.11
C LYS D 46 31.17 10.12 -12.89
N GLU D 47 30.84 10.75 -11.76
CA GLU D 47 30.54 9.99 -10.52
C GLU D 47 29.03 9.80 -10.39
N ASP D 48 28.23 10.28 -11.35
CA ASP D 48 26.79 10.38 -11.19
C ASP D 48 26.12 9.27 -11.96
N PRO D 49 25.62 8.22 -11.32
CA PRO D 49 25.01 7.11 -12.06
C PRO D 49 23.70 7.45 -12.75
N LEU D 50 23.10 8.60 -12.48
CA LEU D 50 21.87 8.94 -13.18
C LEU D 50 22.14 9.74 -14.44
N LEU D 51 23.10 10.65 -14.38
CA LEU D 51 23.52 11.40 -15.54
C LEU D 51 24.27 10.50 -16.51
N THR D 52 25.17 9.67 -15.99
CA THR D 52 25.98 8.74 -16.78
C THR D 52 25.73 7.35 -16.26
N PRO D 53 24.76 6.63 -16.82
CA PRO D 53 24.42 5.30 -16.29
C PRO D 53 25.60 4.36 -16.29
N VAL D 54 25.65 3.53 -15.25
CA VAL D 54 26.71 2.55 -15.05
C VAL D 54 26.28 1.26 -15.73
N PRO D 55 27.19 0.37 -16.13
CA PRO D 55 26.76 -0.89 -16.76
C PRO D 55 26.05 -1.80 -15.77
N ALA D 56 25.32 -2.77 -16.32
CA ALA D 56 24.51 -3.65 -15.48
C ALA D 56 25.34 -4.32 -14.39
N SER D 57 26.59 -4.67 -14.70
CA SER D 57 27.44 -5.35 -13.72
C SER D 57 27.78 -4.47 -12.52
N GLU D 58 27.60 -3.16 -12.64
CA GLU D 58 27.90 -2.24 -11.56
C GLU D 58 26.64 -1.66 -10.91
N ASN D 59 25.46 -2.10 -11.35
CA ASN D 59 24.19 -1.52 -10.91
C ASN D 59 23.62 -2.36 -9.79
N PRO D 60 23.56 -1.85 -8.55
CA PRO D 60 23.03 -2.67 -7.44
C PRO D 60 21.60 -3.13 -7.65
N PHE D 61 20.85 -2.46 -8.51
CA PHE D 61 19.45 -2.79 -8.74
C PHE D 61 19.23 -3.49 -10.08
N ARG D 62 20.29 -3.94 -10.74
CA ARG D 62 20.21 -4.66 -12.00
C ARG D 62 18.90 -5.42 -12.20
N VAL E 2 17.31 -9.18 29.20
CA VAL E 2 17.35 -10.25 28.23
C VAL E 2 17.90 -11.50 28.87
N GLN E 3 17.05 -12.49 29.07
CA GLN E 3 17.46 -13.72 29.72
C GLN E 3 16.94 -14.91 28.92
N LEU E 4 17.70 -15.99 28.91
CA LEU E 4 17.22 -17.29 28.45
C LEU E 4 17.60 -18.30 29.52
N VAL E 5 16.61 -18.95 30.10
CA VAL E 5 16.82 -19.89 31.19
C VAL E 5 16.37 -21.26 30.73
N GLU E 6 17.31 -22.16 30.52
CA GLU E 6 17.01 -23.52 30.16
C GLU E 6 16.71 -24.34 31.40
N SER E 7 15.83 -25.32 31.25
CA SER E 7 15.50 -26.22 32.34
C SER E 7 15.10 -27.56 31.74
N GLY E 8 15.02 -28.57 32.60
CA GLY E 8 14.63 -29.88 32.15
C GLY E 8 15.76 -30.86 31.98
N GLY E 9 16.95 -30.53 32.44
CA GLY E 9 18.10 -31.41 32.35
C GLY E 9 18.08 -32.47 33.43
N GLY E 10 19.18 -33.18 33.53
CA GLY E 10 19.32 -34.26 34.47
C GLY E 10 19.70 -35.55 33.77
N LEU E 11 19.54 -36.64 34.51
CA LEU E 11 19.97 -37.96 34.05
C LEU E 11 18.82 -38.69 33.39
N VAL E 12 19.07 -39.24 32.21
CA VAL E 12 18.12 -40.06 31.47
C VAL E 12 18.80 -41.37 31.11
N GLN E 13 18.03 -42.43 31.09
CA GLN E 13 18.54 -43.72 30.68
C GLN E 13 18.52 -43.85 29.16
N PRO E 14 19.46 -44.57 28.57
CA PRO E 14 19.47 -44.73 27.11
C PRO E 14 18.14 -45.24 26.59
N GLY E 15 17.68 -44.65 25.49
CA GLY E 15 16.43 -45.02 24.90
C GLY E 15 15.24 -44.28 25.45
N GLY E 16 15.41 -43.51 26.51
CA GLY E 16 14.33 -42.79 27.14
C GLY E 16 14.00 -41.50 26.43
N SER E 17 13.23 -40.66 27.11
CA SER E 17 12.77 -39.41 26.55
C SER E 17 12.93 -38.31 27.59
N ARG E 18 13.06 -37.09 27.10
CA ARG E 18 13.17 -35.91 27.94
C ARG E 18 12.86 -34.69 27.10
N LYS E 19 12.22 -33.72 27.73
CA LYS E 19 11.93 -32.44 27.09
C LYS E 19 12.68 -31.35 27.83
N LEU E 20 13.35 -30.50 27.08
CA LEU E 20 14.01 -29.33 27.62
C LEU E 20 13.14 -28.12 27.31
N SER E 21 13.09 -27.22 28.27
CA SER E 21 12.41 -25.91 28.11
C SER E 21 13.42 -24.77 28.14
N CYS E 22 13.10 -23.65 27.50
CA CYS E 22 13.89 -22.44 27.60
C CYS E 22 12.92 -21.28 27.78
N SER E 23 12.95 -20.67 28.95
CA SER E 23 12.07 -19.56 29.26
C SER E 23 12.73 -18.26 28.86
N ALA E 24 12.12 -17.54 27.92
CA ALA E 24 12.64 -16.28 27.42
C ALA E 24 11.99 -15.12 28.15
N SER E 25 12.80 -14.13 28.50
CA SER E 25 12.30 -12.93 29.16
C SER E 25 13.16 -11.74 28.76
N GLY E 26 12.54 -10.58 28.68
CA GLY E 26 13.28 -9.37 28.46
C GLY E 26 13.53 -8.99 27.02
N PHE E 27 12.95 -9.73 26.07
CA PHE E 27 13.11 -9.38 24.66
C PHE E 27 11.91 -9.90 23.89
N ALA E 28 11.80 -9.45 22.65
CA ALA E 28 10.66 -9.76 21.79
C ALA E 28 10.79 -11.18 21.23
N PHE E 29 10.61 -12.15 22.12
CA PHE E 29 10.84 -13.55 21.80
C PHE E 29 10.21 -13.96 20.48
N SER E 30 8.97 -13.56 20.23
CA SER E 30 8.29 -14.02 19.03
C SER E 30 8.95 -13.53 17.74
N SER E 31 9.78 -12.49 17.80
CA SER E 31 10.39 -11.91 16.61
C SER E 31 11.73 -12.54 16.28
N PHE E 32 12.23 -13.42 17.13
CA PHE E 32 13.52 -14.06 16.97
C PHE E 32 13.35 -15.49 16.52
N GLY E 33 14.25 -15.96 15.68
CA GLY E 33 14.43 -17.38 15.51
C GLY E 33 15.23 -17.95 16.66
N MET E 34 15.00 -19.22 16.94
CA MET E 34 15.69 -19.86 18.05
C MET E 34 16.46 -21.09 17.56
N HIS E 35 17.63 -21.26 18.13
CA HIS E 35 18.49 -22.40 17.87
C HIS E 35 18.76 -23.14 19.16
N TRP E 36 18.96 -24.45 19.06
CA TRP E 36 19.60 -25.23 20.11
C TRP E 36 21.00 -25.58 19.64
N VAL E 37 21.98 -25.31 20.50
CA VAL E 37 23.37 -25.67 20.28
C VAL E 37 23.82 -26.42 21.53
N ARG E 38 24.46 -27.56 21.35
CA ARG E 38 24.86 -28.36 22.50
C ARG E 38 26.37 -28.55 22.54
N GLN E 39 26.88 -28.76 23.73
CA GLN E 39 28.31 -28.94 23.95
C GLN E 39 28.53 -30.16 24.82
N ALA E 40 29.15 -31.19 24.26
CA ALA E 40 29.48 -32.37 25.01
C ALA E 40 30.55 -32.04 26.06
N PRO E 41 30.61 -32.82 27.15
CA PRO E 41 31.50 -32.48 28.27
C PRO E 41 32.95 -32.14 27.92
N GLU E 42 33.54 -32.75 26.89
CA GLU E 42 34.94 -32.46 26.58
C GLU E 42 35.13 -31.99 25.14
N LYS E 43 34.07 -31.53 24.49
CA LYS E 43 34.09 -31.18 23.08
C LYS E 43 33.65 -29.73 22.90
N GLY E 44 33.57 -29.30 21.65
CA GLY E 44 33.09 -27.98 21.31
C GLY E 44 31.62 -27.93 21.01
N LEU E 45 31.21 -26.91 20.27
CA LEU E 45 29.81 -26.64 20.02
C LEU E 45 29.30 -27.44 18.84
N GLU E 46 28.10 -27.99 18.98
CA GLU E 46 27.41 -28.69 17.91
C GLU E 46 26.03 -28.09 17.75
N TRP E 47 25.69 -27.66 16.55
CA TRP E 47 24.37 -27.15 16.28
C TRP E 47 23.35 -28.28 16.19
N VAL E 48 22.20 -28.09 16.82
CA VAL E 48 21.19 -29.12 16.95
C VAL E 48 19.98 -28.82 16.07
N ALA E 49 19.31 -27.70 16.29
CA ALA E 49 18.03 -27.47 15.62
C ALA E 49 17.73 -25.99 15.57
N TYR E 50 16.90 -25.61 14.60
CA TYR E 50 16.50 -24.23 14.41
C TYR E 50 14.99 -24.18 14.23
N ILE E 51 14.35 -23.23 14.88
CA ILE E 51 12.96 -22.92 14.58
C ILE E 51 12.85 -21.42 14.36
N SER E 52 12.34 -21.04 13.22
CA SER E 52 12.24 -19.65 12.81
C SER E 52 11.14 -18.95 13.60
N SER E 53 11.19 -17.62 13.57
CA SER E 53 10.09 -16.83 14.07
C SER E 53 8.83 -17.15 13.28
N GLY E 54 7.73 -17.37 13.98
CA GLY E 54 6.50 -17.82 13.36
C GLY E 54 6.43 -19.30 13.11
N SER E 55 7.48 -20.07 13.42
CA SER E 55 7.58 -21.51 13.19
C SER E 55 7.39 -21.91 11.73
N GLY E 56 7.78 -21.03 10.79
CA GLY E 56 7.63 -21.39 9.39
C GLY E 56 8.71 -22.30 8.86
N THR E 57 9.92 -22.19 9.36
CA THR E 57 11.07 -22.94 8.89
C THR E 57 11.70 -23.68 10.06
N ILE E 58 11.93 -24.98 9.90
CA ILE E 58 12.60 -25.77 10.93
C ILE E 58 13.70 -26.57 10.29
N TYR E 59 14.88 -26.57 10.90
CA TYR E 59 15.99 -27.40 10.46
C TYR E 59 16.49 -28.23 11.62
N TYR E 60 17.02 -29.39 11.30
CA TYR E 60 17.68 -30.25 12.27
C TYR E 60 19.04 -30.62 11.74
N ALA E 61 19.98 -30.83 12.65
CA ALA E 61 21.22 -31.49 12.28
C ALA E 61 20.95 -32.96 11.95
N ASP E 62 21.75 -33.50 11.04
CA ASP E 62 21.58 -34.90 10.65
C ASP E 62 21.73 -35.84 11.84
N THR E 63 22.41 -35.42 12.90
CA THR E 63 22.61 -36.28 14.06
C THR E 63 21.38 -36.44 14.93
N VAL E 64 20.34 -35.62 14.75
CA VAL E 64 19.17 -35.68 15.60
C VAL E 64 17.88 -35.80 14.81
N LYS E 65 17.96 -35.95 13.51
CA LYS E 65 16.75 -36.04 12.69
C LYS E 65 15.95 -37.27 13.07
N GLY E 66 14.65 -37.08 13.27
CA GLY E 66 13.76 -38.15 13.65
C GLY E 66 13.72 -38.47 15.12
N ARG E 67 14.58 -37.85 15.93
CA ARG E 67 14.63 -38.08 17.37
C ARG E 67 14.34 -36.84 18.17
N PHE E 68 14.81 -35.68 17.73
CA PHE E 68 14.55 -34.42 18.39
C PHE E 68 13.44 -33.71 17.65
N THR E 69 12.57 -33.02 18.39
CA THR E 69 11.62 -32.09 17.81
C THR E 69 11.75 -30.75 18.51
N ILE E 70 11.84 -29.69 17.72
CA ILE E 70 11.95 -28.33 18.21
C ILE E 70 10.59 -27.68 18.04
N SER E 71 10.14 -26.97 19.06
CA SER E 71 8.85 -26.31 18.96
C SER E 71 8.89 -25.01 19.73
N ARG E 72 7.92 -24.16 19.43
CA ARG E 72 7.84 -22.81 19.94
C ARG E 72 6.47 -22.54 20.50
N ASP E 73 6.42 -21.88 21.65
CA ASP E 73 5.18 -21.40 22.25
C ASP E 73 5.35 -19.90 22.51
N ASP E 74 4.88 -19.07 21.57
CA ASP E 74 5.07 -17.63 21.76
C ASP E 74 4.24 -17.04 22.89
N PRO E 75 2.96 -17.38 23.07
CA PRO E 75 2.21 -16.80 24.20
C PRO E 75 2.90 -16.93 25.54
N LYS E 76 3.65 -18.01 25.75
CA LYS E 76 4.37 -18.20 27.05
C LYS E 76 5.86 -17.84 26.90
N ASN E 77 6.28 -17.35 25.74
CA ASN E 77 7.69 -17.00 25.49
C ASN E 77 8.63 -18.16 25.79
N THR E 78 8.26 -19.36 25.39
CA THR E 78 9.02 -20.55 25.78
C THR E 78 9.37 -21.38 24.56
N LEU E 79 10.63 -21.82 24.49
CA LEU E 79 11.12 -22.74 23.49
C LEU E 79 11.25 -24.13 24.10
N PHE E 80 10.88 -25.15 23.33
CA PHE E 80 10.97 -26.54 23.78
C PHE E 80 11.84 -27.35 22.85
N LEU E 81 12.46 -28.39 23.41
CA LEU E 81 13.14 -29.41 22.63
C LEU E 81 12.68 -30.76 23.16
N GLN E 82 11.94 -31.50 22.35
CA GLN E 82 11.41 -32.79 22.76
C GLN E 82 12.27 -33.89 22.16
N MET E 83 12.94 -34.64 23.01
CA MET E 83 13.91 -35.65 22.62
C MET E 83 13.36 -37.02 22.96
N THR E 84 13.45 -37.95 22.02
CA THR E 84 13.12 -39.35 22.21
C THR E 84 14.33 -40.19 21.83
N SER E 85 14.31 -41.45 22.27
CA SER E 85 15.35 -42.42 21.93
C SER E 85 16.74 -41.83 22.17
N LEU E 86 16.93 -41.28 23.36
CA LEU E 86 18.18 -40.61 23.69
C LEU E 86 19.35 -41.57 23.66
N ARG E 87 20.47 -41.10 23.13
CA ARG E 87 21.68 -41.89 23.01
C ARG E 87 22.73 -41.33 23.96
N SER E 88 23.73 -42.15 24.26
CA SER E 88 24.85 -41.69 25.06
C SER E 88 25.58 -40.52 24.42
N GLU E 89 25.57 -40.43 23.09
CA GLU E 89 26.25 -39.35 22.40
C GLU E 89 25.50 -38.03 22.56
N ASP E 90 24.29 -38.07 23.12
CA ASP E 90 23.50 -36.88 23.34
C ASP E 90 23.85 -36.18 24.63
N THR E 91 24.75 -36.74 25.42
CA THR E 91 25.20 -36.09 26.64
C THR E 91 25.86 -34.77 26.31
N ALA E 92 25.34 -33.68 26.84
CA ALA E 92 25.81 -32.36 26.49
C ALA E 92 25.08 -31.33 27.33
N MET E 93 25.64 -30.14 27.40
CA MET E 93 24.88 -28.98 27.85
C MET E 93 24.22 -28.35 26.64
N TYR E 94 22.94 -28.08 26.75
CA TYR E 94 22.16 -27.58 25.62
C TYR E 94 21.87 -26.10 25.85
N TYR E 95 22.32 -25.27 24.92
CA TYR E 95 22.15 -23.85 25.01
C TYR E 95 21.02 -23.37 24.12
N CYS E 96 20.21 -22.48 24.66
CA CYS E 96 19.13 -21.84 23.93
C CYS E 96 19.70 -20.55 23.37
N VAL E 97 19.63 -20.37 22.05
CA VAL E 97 20.27 -19.25 21.39
C VAL E 97 19.22 -18.54 20.54
N ARG E 98 19.18 -17.21 20.65
CA ARG E 98 18.25 -16.42 19.85
C ARG E 98 18.93 -15.93 18.59
N SER E 99 18.16 -15.74 17.53
CA SER E 99 18.73 -15.30 16.27
C SER E 99 17.66 -14.59 15.45
N ILE E 100 17.88 -13.34 15.12
CA ILE E 100 16.95 -12.54 14.35
C ILE E 100 17.60 -12.15 13.02
N TYR E 101 16.88 -12.35 11.92
CA TYR E 101 17.45 -12.20 10.59
C TYR E 101 16.77 -11.07 9.84
N TYR E 102 17.55 -10.07 9.48
CA TYR E 102 17.17 -9.02 8.56
C TYR E 102 18.45 -8.33 8.16
N TYR E 103 18.38 -7.53 7.11
CA TYR E 103 19.56 -6.83 6.64
C TYR E 103 20.21 -6.03 7.77
N GLY E 104 21.45 -6.37 8.09
CA GLY E 104 22.17 -5.70 9.14
C GLY E 104 21.98 -6.26 10.54
N SER E 105 21.23 -7.34 10.70
CA SER E 105 21.01 -7.89 12.04
C SER E 105 22.25 -8.63 12.53
N SER E 106 22.23 -8.93 13.82
CA SER E 106 23.31 -9.65 14.51
C SER E 106 22.74 -10.92 15.11
N PRO E 107 22.56 -11.97 14.33
CA PRO E 107 22.04 -13.23 14.88
C PRO E 107 23.06 -13.95 15.75
N PHE E 108 22.56 -14.86 16.59
CA PHE E 108 23.35 -15.59 17.57
C PHE E 108 24.00 -14.68 18.59
N ASP E 109 23.39 -13.52 18.86
CA ASP E 109 24.02 -12.54 19.74
C ASP E 109 23.85 -12.85 21.23
N PHE E 110 22.81 -13.59 21.62
CA PHE E 110 22.61 -13.89 23.04
C PHE E 110 22.33 -15.37 23.24
N TRP E 111 23.14 -16.00 24.07
CA TRP E 111 23.02 -17.41 24.42
C TRP E 111 22.55 -17.53 25.87
N GLY E 112 21.75 -18.54 26.14
CA GLY E 112 21.36 -18.84 27.50
C GLY E 112 22.47 -19.50 28.29
N GLN E 113 22.18 -19.79 29.55
CA GLN E 113 23.17 -20.39 30.42
C GLN E 113 23.38 -21.87 30.17
N GLY E 114 22.37 -22.57 29.70
CA GLY E 114 22.51 -23.98 29.34
C GLY E 114 22.07 -24.91 30.44
N THR E 115 21.53 -26.05 30.05
CA THR E 115 21.11 -27.08 30.98
C THR E 115 21.80 -28.39 30.61
N THR E 116 22.27 -29.10 31.61
CA THR E 116 23.08 -30.30 31.40
C THR E 116 22.15 -31.49 31.22
N LEU E 117 22.34 -32.22 30.14
CA LEU E 117 21.62 -33.46 29.91
C LEU E 117 22.61 -34.61 29.92
N THR E 118 22.37 -35.57 30.79
CA THR E 118 23.25 -36.73 30.93
C THR E 118 22.46 -37.99 30.57
N VAL E 119 23.04 -38.81 29.72
CA VAL E 119 22.44 -40.09 29.32
C VAL E 119 23.41 -41.18 29.73
N SER E 120 22.91 -42.14 30.50
CA SER E 120 23.75 -43.22 31.02
C SER E 120 24.04 -44.29 29.97
N SER E 136 27.36 -33.54 2.91
CA SER E 136 28.02 -32.40 2.32
C SER E 136 28.04 -31.20 3.27
N ASP E 137 28.44 -31.44 4.51
CA ASP E 137 28.56 -30.37 5.48
C ASP E 137 29.76 -29.49 5.15
N ILE E 138 29.68 -28.24 5.58
CA ILE E 138 30.84 -27.35 5.53
C ILE E 138 31.68 -27.56 6.78
N VAL E 139 32.93 -27.94 6.59
CA VAL E 139 33.81 -28.27 7.69
C VAL E 139 34.60 -27.04 8.08
N MET E 140 34.56 -26.71 9.37
CA MET E 140 35.31 -25.58 9.90
C MET E 140 36.54 -26.12 10.61
N THR E 141 37.72 -25.75 10.12
CA THR E 141 38.96 -26.28 10.64
C THR E 141 39.68 -25.22 11.45
N GLN E 142 40.00 -25.54 12.69
CA GLN E 142 40.77 -24.67 13.56
C GLN E 142 41.94 -25.52 14.04
N ALA E 143 43.03 -25.48 13.25
CA ALA E 143 44.12 -26.44 13.41
C ALA E 143 44.77 -26.35 14.77
N THR E 144 44.81 -25.15 15.33
CA THR E 144 45.44 -24.92 16.62
C THR E 144 44.38 -25.04 17.71
N SER E 145 44.59 -25.98 18.63
CA SER E 145 43.62 -26.17 19.70
C SER E 145 43.93 -25.31 20.91
N SER E 146 45.17 -24.86 21.06
CA SER E 146 45.55 -24.05 22.21
C SER E 146 46.68 -23.11 21.85
N VAL E 147 46.59 -21.87 22.36
CA VAL E 147 47.63 -20.87 22.22
C VAL E 147 48.00 -20.32 23.59
N PRO E 148 49.24 -20.43 24.02
CA PRO E 148 49.68 -19.73 25.23
C PRO E 148 49.77 -18.23 24.97
N VAL E 149 49.22 -17.43 25.90
CA VAL E 149 49.10 -16.00 25.71
C VAL E 149 49.61 -15.26 26.95
N THR E 150 49.91 -13.98 26.75
CA THR E 150 50.29 -13.07 27.82
C THR E 150 49.43 -11.82 27.73
N PRO E 151 48.87 -11.38 28.85
CA PRO E 151 48.04 -10.17 28.84
C PRO E 151 48.84 -8.95 28.43
N GLY E 152 48.21 -8.10 27.62
CA GLY E 152 48.85 -6.95 27.04
C GLY E 152 49.41 -7.16 25.65
N GLU E 153 49.53 -8.39 25.20
CA GLU E 153 50.02 -8.70 23.87
C GLU E 153 48.87 -9.09 22.96
N SER E 154 49.11 -8.99 21.66
CA SER E 154 48.14 -9.39 20.67
C SER E 154 48.19 -10.92 20.48
N VAL E 155 47.10 -11.45 19.93
CA VAL E 155 47.00 -12.85 19.53
C VAL E 155 46.10 -12.96 18.32
N SER E 156 46.41 -13.89 17.42
CA SER E 156 45.61 -14.16 16.24
C SER E 156 45.12 -15.60 16.28
N ILE E 157 43.85 -15.80 15.95
CA ILE E 157 43.23 -17.11 15.92
C ILE E 157 42.71 -17.31 14.50
N SER E 158 43.08 -18.41 13.87
CA SER E 158 42.72 -18.64 12.48
C SER E 158 41.68 -19.75 12.35
N CYS E 159 40.92 -19.67 11.27
CA CYS E 159 39.95 -20.68 10.89
C CYS E 159 40.08 -20.86 9.38
N ARG E 160 39.84 -22.07 8.90
CA ARG E 160 39.64 -22.28 7.48
C ARG E 160 38.34 -23.04 7.25
N SER E 161 37.75 -22.82 6.10
CA SER E 161 36.54 -23.51 5.68
C SER E 161 36.83 -24.42 4.50
N SER E 162 36.14 -25.56 4.47
CA SER E 162 36.18 -26.47 3.34
C SER E 162 35.45 -25.94 2.12
N LYS E 163 34.64 -24.91 2.30
CA LYS E 163 33.84 -24.30 1.25
C LYS E 163 33.93 -22.79 1.44
N SER E 164 34.00 -22.05 0.34
CA SER E 164 33.96 -20.60 0.45
C SER E 164 32.69 -20.13 1.12
N LEU E 165 32.84 -19.22 2.08
CA LEU E 165 31.71 -18.62 2.77
C LEU E 165 31.31 -17.27 2.22
N LEU E 166 31.90 -16.84 1.11
CA LEU E 166 31.55 -15.58 0.48
C LEU E 166 30.43 -15.81 -0.52
N HIS E 167 29.27 -15.28 -0.22
CA HIS E 167 28.09 -15.44 -1.06
C HIS E 167 28.07 -14.35 -2.12
N SER E 168 27.38 -14.63 -3.22
CA SER E 168 27.30 -13.66 -4.31
C SER E 168 26.65 -12.35 -3.88
N ASN E 169 25.95 -12.31 -2.75
CA ASN E 169 25.39 -11.07 -2.25
C ASN E 169 26.42 -10.19 -1.56
N GLY E 170 27.67 -10.63 -1.45
CA GLY E 170 28.72 -9.83 -0.87
C GLY E 170 29.02 -10.11 0.58
N ASN E 171 28.16 -10.83 1.27
CA ASN E 171 28.36 -11.15 2.67
C ASN E 171 29.15 -12.43 2.80
N THR E 172 30.00 -12.50 3.83
CA THR E 172 30.78 -13.69 4.14
C THR E 172 30.33 -14.19 5.50
N TYR E 173 29.69 -15.34 5.52
CA TYR E 173 28.91 -15.80 6.66
C TYR E 173 29.76 -16.64 7.60
N LEU E 174 30.63 -15.95 8.33
CA LEU E 174 31.36 -16.57 9.42
C LEU E 174 31.15 -15.76 10.70
N TYR E 175 31.02 -16.47 11.81
CA TYR E 175 30.77 -15.88 13.12
C TYR E 175 31.87 -16.31 14.06
N TRP E 176 32.27 -15.42 14.95
CA TRP E 176 33.23 -15.74 15.99
C TRP E 176 32.50 -15.73 17.33
N PHE E 177 32.77 -16.71 18.16
CA PHE E 177 32.21 -16.79 19.51
C PHE E 177 33.34 -16.98 20.51
N LEU E 178 33.16 -16.43 21.70
CA LEU E 178 34.07 -16.65 22.82
C LEU E 178 33.30 -17.32 23.95
N GLN E 179 33.82 -18.43 24.44
CA GLN E 179 33.28 -19.10 25.62
C GLN E 179 34.29 -19.03 26.76
N ARG E 180 34.00 -18.24 27.77
CA ARG E 180 34.87 -18.11 28.93
C ARG E 180 34.69 -19.32 29.84
N PRO E 181 35.69 -19.60 30.71
CA PRO E 181 35.63 -20.82 31.52
C PRO E 181 34.33 -21.10 32.28
N GLY E 182 33.63 -20.09 32.79
CA GLY E 182 32.37 -20.34 33.45
C GLY E 182 31.12 -19.83 32.77
N GLN E 183 31.17 -19.47 31.49
CA GLN E 183 30.07 -18.80 30.84
C GLN E 183 29.67 -19.53 29.56
N SER E 184 28.44 -19.27 29.13
CA SER E 184 28.00 -19.69 27.82
C SER E 184 28.68 -18.86 26.74
N PRO E 185 28.70 -19.33 25.50
CA PRO E 185 29.35 -18.57 24.42
C PRO E 185 28.75 -17.19 24.22
N GLN E 186 29.60 -16.24 23.88
CA GLN E 186 29.22 -14.89 23.52
C GLN E 186 29.63 -14.59 22.08
N LEU E 187 28.74 -13.92 21.36
CA LEU E 187 29.06 -13.50 20.00
C LEU E 187 30.08 -12.36 20.02
N LEU E 188 31.14 -12.52 19.23
CA LEU E 188 32.15 -11.48 19.04
C LEU E 188 31.95 -10.76 17.72
N ILE E 189 31.90 -11.49 16.63
CA ILE E 189 31.86 -10.92 15.29
C ILE E 189 30.86 -11.71 14.47
N TYR E 190 30.06 -10.99 13.69
CA TYR E 190 29.11 -11.62 12.79
C TYR E 190 29.45 -11.26 11.36
N ARG E 191 29.18 -12.16 10.43
CA ARG E 191 29.51 -11.92 8.99
C ARG E 191 30.96 -11.47 8.78
N MET E 192 31.91 -12.19 9.38
CA MET E 192 33.34 -12.03 9.21
C MET E 192 33.94 -10.76 9.80
N SER E 193 33.36 -9.59 9.56
CA SER E 193 34.03 -8.36 9.95
C SER E 193 33.23 -7.48 10.88
N ASN E 194 31.95 -7.74 11.10
CA ASN E 194 31.08 -6.84 11.84
C ASN E 194 31.14 -7.16 13.32
N LEU E 195 31.62 -6.20 14.11
CA LEU E 195 31.78 -6.41 15.53
C LEU E 195 30.42 -6.39 16.22
N ALA E 196 30.17 -7.38 17.08
CA ALA E 196 28.90 -7.45 17.78
C ALA E 196 28.76 -6.34 18.81
N SER E 197 27.53 -5.91 19.03
CA SER E 197 27.22 -4.89 20.03
C SER E 197 27.63 -5.36 21.41
N GLY E 198 28.23 -4.45 22.18
CA GLY E 198 28.71 -4.74 23.51
C GLY E 198 30.09 -5.38 23.58
N VAL E 199 30.72 -5.67 22.46
CA VAL E 199 32.03 -6.33 22.46
C VAL E 199 33.12 -5.27 22.31
N PRO E 200 34.17 -5.31 23.13
CA PRO E 200 35.23 -4.30 23.00
C PRO E 200 35.83 -4.21 21.61
N ASP E 201 36.23 -3.00 21.25
CA ASP E 201 36.74 -2.67 19.92
C ASP E 201 38.09 -3.31 19.64
N ARG E 202 38.72 -3.95 20.63
CA ARG E 202 39.98 -4.63 20.42
C ARG E 202 39.82 -5.84 19.51
N PHE E 203 38.58 -6.32 19.32
CA PHE E 203 38.33 -7.45 18.46
C PHE E 203 38.07 -6.98 17.04
N SER E 204 38.67 -7.68 16.10
CA SER E 204 38.36 -7.44 14.69
C SER E 204 38.59 -8.73 13.95
N GLY E 205 37.99 -8.82 12.76
CA GLY E 205 38.10 -10.01 11.95
C GLY E 205 38.18 -9.65 10.50
N SER E 206 38.76 -10.57 9.72
CA SER E 206 38.86 -10.42 8.28
C SER E 206 39.07 -11.79 7.68
N GLY E 207 39.00 -11.86 6.36
CA GLY E 207 39.25 -13.13 5.71
C GLY E 207 39.05 -13.08 4.23
N SER E 208 39.44 -14.18 3.59
CA SER E 208 39.37 -14.37 2.16
C SER E 208 38.08 -15.02 1.68
N GLY E 209 37.31 -15.60 2.57
CA GLY E 209 36.21 -16.45 2.20
C GLY E 209 36.47 -17.91 2.49
N THR E 210 37.72 -18.33 2.49
CA THR E 210 38.10 -19.66 2.93
C THR E 210 39.08 -19.66 4.09
N ALA E 211 39.79 -18.57 4.33
CA ALA E 211 40.74 -18.45 5.44
C ALA E 211 40.41 -17.18 6.21
N PHE E 212 40.31 -17.30 7.53
CA PHE E 212 39.83 -16.22 8.38
C PHE E 212 40.77 -16.04 9.56
N THR E 213 40.83 -14.82 10.04
CA THR E 213 41.59 -14.53 11.25
C THR E 213 40.76 -13.68 12.20
N LEU E 214 40.82 -14.01 13.47
CA LEU E 214 40.35 -13.13 14.53
C LEU E 214 41.57 -12.45 15.13
N THR E 215 41.55 -11.12 15.15
CA THR E 215 42.64 -10.34 15.71
C THR E 215 42.19 -9.73 17.03
N ILE E 216 42.98 -9.92 18.06
CA ILE E 216 42.79 -9.26 19.35
C ILE E 216 44.00 -8.36 19.57
N SER E 217 43.80 -7.04 19.48
CA SER E 217 44.94 -6.12 19.44
C SER E 217 45.75 -6.16 20.73
N ARG E 218 45.04 -6.25 21.85
CA ARG E 218 45.66 -6.36 23.19
C ARG E 218 44.82 -7.35 24.00
N LEU E 219 45.40 -8.46 24.46
CA LEU E 219 44.61 -9.42 25.21
C LEU E 219 44.55 -9.06 26.68
N GLU E 220 43.34 -9.13 27.21
CA GLU E 220 43.08 -8.94 28.62
C GLU E 220 42.75 -10.28 29.23
N ALA E 221 42.86 -10.37 30.56
CA ALA E 221 42.48 -11.60 31.24
C ALA E 221 41.02 -11.95 31.00
N GLU E 222 40.15 -10.95 30.86
CA GLU E 222 38.74 -11.23 30.61
C GLU E 222 38.50 -11.85 29.25
N ASP E 223 39.50 -11.85 28.37
CA ASP E 223 39.35 -12.42 27.04
C ASP E 223 39.77 -13.88 26.97
N VAL E 224 40.17 -14.48 28.07
CA VAL E 224 40.61 -15.86 28.07
C VAL E 224 39.40 -16.77 27.92
N GLY E 225 39.55 -17.79 27.08
CA GLY E 225 38.48 -18.71 26.84
C GLY E 225 38.71 -19.38 25.52
N VAL E 226 37.70 -20.08 25.04
CA VAL E 226 37.79 -20.84 23.79
C VAL E 226 37.04 -20.08 22.72
N TYR E 227 37.69 -19.88 21.60
CA TYR E 227 37.13 -19.15 20.47
C TYR E 227 36.68 -20.13 19.41
N TYR E 228 35.43 -20.00 18.98
CA TYR E 228 34.84 -20.87 17.99
C TYR E 228 34.57 -20.07 16.73
N CYS E 229 34.73 -20.71 15.58
CA CYS E 229 34.20 -20.19 14.34
C CYS E 229 32.91 -20.95 14.03
N MET E 230 31.93 -20.26 13.48
CA MET E 230 30.73 -20.88 12.94
C MET E 230 30.51 -20.35 11.53
N GLN E 231 30.03 -21.21 10.64
CA GLN E 231 29.58 -20.76 9.33
C GLN E 231 28.05 -20.69 9.33
N HIS E 232 27.51 -19.67 8.66
CA HIS E 232 26.07 -19.52 8.54
C HIS E 232 25.69 -19.29 7.08
N LEU E 233 26.38 -19.97 6.18
CA LEU E 233 25.98 -19.98 4.79
C LEU E 233 24.95 -21.04 4.48
N GLU E 234 25.13 -22.24 5.00
CA GLU E 234 24.18 -23.34 4.72
C GLU E 234 23.86 -24.12 6.01
N TYR E 235 22.69 -24.73 6.07
CA TYR E 235 22.37 -25.71 7.14
C TYR E 235 22.82 -27.09 6.69
N PRO E 236 23.27 -27.94 7.62
CA PRO E 236 23.36 -27.65 9.05
C PRO E 236 24.42 -26.58 9.34
N LEU E 237 24.26 -25.83 10.43
CA LEU E 237 25.33 -24.87 10.85
C LEU E 237 26.44 -25.68 11.52
N THR E 238 27.70 -25.32 11.30
CA THR E 238 28.80 -26.08 11.87
C THR E 238 29.74 -25.13 12.57
N PHE E 239 30.38 -25.65 13.61
CA PHE E 239 31.36 -24.93 14.40
C PHE E 239 32.73 -25.55 14.22
N GLY E 240 33.76 -24.76 14.42
CA GLY E 240 35.10 -25.29 14.48
C GLY E 240 35.36 -25.96 15.82
N ALA E 241 36.48 -26.67 15.90
CA ALA E 241 36.81 -27.36 17.14
C ALA E 241 36.96 -26.39 18.30
N GLY E 242 37.50 -25.20 18.03
CA GLY E 242 37.69 -24.19 19.04
C GLY E 242 39.13 -24.07 19.50
N THR E 243 39.61 -22.83 19.59
CA THR E 243 40.99 -22.54 19.99
C THR E 243 40.96 -21.94 21.38
N LYS E 244 41.66 -22.57 22.31
CA LYS E 244 41.74 -22.12 23.69
C LYS E 244 42.92 -21.19 23.86
N LEU E 245 42.72 -20.09 24.58
CA LEU E 245 43.81 -19.26 25.05
C LEU E 245 44.12 -19.55 26.51
N GLU E 246 45.38 -19.88 26.77
CA GLU E 246 45.86 -20.25 28.10
C GLU E 246 46.51 -19.04 28.74
N LEU E 247 45.88 -18.49 29.76
CA LEU E 247 46.38 -17.23 30.31
C LEU E 247 46.61 -17.38 31.80
N CYS F 1 -25.93 -42.84 -32.61
CA CYS F 1 -26.15 -41.75 -31.67
C CYS F 1 -27.61 -41.68 -31.20
N ARG F 2 -27.84 -42.00 -29.94
CA ARG F 2 -29.21 -42.12 -29.33
C ARG F 2 -30.00 -40.80 -29.33
N PRO F 3 -29.40 -39.67 -28.92
CA PRO F 3 -30.17 -38.42 -28.91
C PRO F 3 -30.56 -38.03 -30.33
N ARG F 4 -31.77 -37.51 -30.45
CA ARG F 4 -32.32 -37.06 -31.76
C ARG F 4 -31.50 -35.90 -32.32
N LEU F 5 -31.01 -35.00 -31.48
CA LEU F 5 -30.27 -33.81 -31.99
C LEU F 5 -28.84 -33.74 -31.44
N CYS F 6 -28.17 -34.86 -31.22
CA CYS F 6 -26.79 -34.81 -30.77
C CYS F 6 -25.92 -34.07 -31.78
N HIS F 7 -26.29 -34.15 -33.05
CA HIS F 7 -25.51 -33.54 -34.16
C HIS F 7 -26.09 -32.18 -34.55
N LYS F 8 -25.53 -31.56 -35.60
CA LYS F 8 -25.96 -30.22 -36.10
C LYS F 8 -26.10 -29.25 -34.93
N GLY F 9 -25.19 -29.39 -33.97
CA GLY F 9 -25.13 -28.53 -32.77
C GLY F 9 -23.82 -28.71 -32.03
N PRO F 10 -23.46 -27.77 -31.17
CA PRO F 10 -22.28 -27.78 -30.30
C PRO F 10 -22.77 -27.95 -28.86
N PRO F 12 -23.62 -30.57 -26.85
CA PRO F 12 -23.59 -32.02 -26.63
C PRO F 12 -24.42 -32.42 -25.40
N PHE F 13 -25.45 -31.65 -25.08
CA PHE F 13 -26.33 -31.92 -23.91
C PHE F 13 -25.47 -32.14 -22.66
#